data_7PS7
#
_entry.id   7PS7
#
_cell.length_a   41.239
_cell.length_b   139.872
_cell.length_c   116.411
_cell.angle_alpha   90.000
_cell.angle_beta   100.045
_cell.angle_gamma   90.000
#
_symmetry.space_group_name_H-M   'P 1 21 1'
#
loop_
_entity.id
_entity.type
_entity.pdbx_description
1 polymer 'Spike protein S1'
2 polymer 'Beta-40 Fab light chain'
3 polymer 'Beta-40 heavy chain'
#
loop_
_entity_poly.entity_id
_entity_poly.type
_entity_poly.pdbx_seq_one_letter_code
_entity_poly.pdbx_strand_id
1 'polypeptide(L)'
;MGCVAETGHHHHHHTNLCPFGEVFNATRFASVYAWNRKRISNCVADYSVLYNSASFSTFKCYGVSPTKLNDLCFTNVYAD
SFVIRGDEVRQIAPGQTGNIADYNYKLPDDFTGCVIAWNSNNLDSKVGGNYNYLYRLFRKSNLKPFERDISTEIYQAGST
PCNGVKGFNCYFPLQSYGFQPTYGVGYQPYRVVVLSFELLHAPATVCGKK
;
E,R
2 'polypeptide(L)'
;QSVLTQPPSVSVSPGQTARITCSGDALSTQNGNWYQQKPGQAPVMVICKDSERPSGIPERFSGSRSGTTVTLTISGVQAE
DEADYHCQSADNRAHVVFGGGTKLTVLGQPKANPTVTLFPPSSEELQANKATLVCLISDFYPGAVTVAWKADSSPVKAGV
ETTTPSKQSNNKYAASSYLSLTPEQWKSHRSYSCQVTHEGSTVEKTVAPTECS
;
L,B
3 'polypeptide(L)'
;QVQLVESGPGQVKPSETLSLTCTVSGGSISSSSYYWGWIRQPPGKGLEWIGSIYYSGSAYYNPSLKSRVTISVDTSKNQF
SLKLNSVTAADTAVFYCARHAAPSPGDNWFDPWGQGTLVTVSSASTKGPSVFPLAPSSKSTSGGTAALGCLVKDYFPEPV
TVSWNSGALTSGVHTFPAVLQSSGLYSLSSVVTVPSSSLGTQTYICNVNHKPSNTKVDKKVEPKSCDK
;
A,H
#
# COMPACT_ATOMS: atom_id res chain seq x y z
N ASN A 16 14.34 18.55 -21.47
CA ASN A 16 14.79 17.17 -21.65
C ASN A 16 13.76 16.17 -21.13
N LEU A 17 14.08 14.89 -21.21
CA LEU A 17 13.13 13.83 -20.90
C LEU A 17 13.17 13.46 -19.42
N CYS A 18 12.17 12.67 -19.01
CA CYS A 18 12.06 12.18 -17.64
C CYS A 18 12.78 10.84 -17.50
N PRO A 19 13.50 10.64 -16.40
CA PRO A 19 14.37 9.46 -16.25
C PRO A 19 13.62 8.23 -15.78
N PHE A 20 12.67 7.76 -16.60
CA PHE A 20 11.97 6.52 -16.29
C PHE A 20 12.91 5.32 -16.39
N GLY A 21 13.92 5.39 -17.25
CA GLY A 21 14.84 4.28 -17.40
C GLY A 21 15.61 3.97 -16.14
N GLU A 22 15.94 5.00 -15.35
CA GLU A 22 16.67 4.78 -14.11
C GLU A 22 15.89 3.97 -13.10
N VAL A 23 14.56 3.98 -13.19
CA VAL A 23 13.73 3.23 -12.25
C VAL A 23 13.40 1.85 -12.80
N PHE A 24 12.90 1.79 -14.04
CA PHE A 24 12.49 0.50 -14.61
C PHE A 24 13.69 -0.37 -14.95
N ASN A 25 14.76 0.23 -15.48
CA ASN A 25 15.98 -0.50 -15.84
C ASN A 25 17.04 -0.44 -14.75
N ALA A 26 16.63 -0.28 -13.49
CA ALA A 26 17.58 -0.27 -12.39
C ALA A 26 18.06 -1.69 -12.11
N THR A 27 19.36 -1.83 -11.80
CA THR A 27 19.94 -3.15 -11.62
C THR A 27 19.48 -3.82 -10.33
N ARG A 28 19.10 -3.04 -9.32
CA ARG A 28 18.66 -3.61 -8.05
C ARG A 28 17.54 -2.76 -7.48
N PHE A 29 16.50 -3.43 -6.99
CA PHE A 29 15.36 -2.79 -6.38
C PHE A 29 15.45 -2.88 -4.87
N ALA A 30 14.59 -2.11 -4.20
CA ALA A 30 14.54 -2.11 -2.74
C ALA A 30 13.55 -3.16 -2.26
N SER A 31 13.71 -3.57 -1.00
CA SER A 31 12.72 -4.42 -0.37
C SER A 31 11.42 -3.63 -0.18
N VAL A 32 10.30 -4.35 -0.14
CA VAL A 32 9.01 -3.70 -0.17
C VAL A 32 8.77 -2.88 1.10
N TYR A 33 9.31 -3.31 2.24
CA TYR A 33 9.15 -2.54 3.46
C TYR A 33 9.87 -1.19 3.36
N ALA A 34 11.01 -1.15 2.69
CA ALA A 34 11.73 0.09 2.45
C ALA A 34 11.68 0.45 0.98
N TRP A 35 10.47 0.61 0.45
CA TRP A 35 10.28 0.86 -0.97
C TRP A 35 10.86 2.21 -1.37
N ASN A 36 11.43 2.26 -2.57
CA ASN A 36 12.05 3.48 -3.06
C ASN A 36 11.01 4.43 -3.62
N ARG A 37 11.36 5.72 -3.66
CA ARG A 37 10.53 6.75 -4.24
C ARG A 37 11.41 7.69 -5.04
N LYS A 38 11.14 7.81 -6.34
CA LYS A 38 11.85 8.70 -7.24
C LYS A 38 10.93 9.85 -7.60
N ARG A 39 11.33 11.07 -7.25
CA ARG A 39 10.52 12.25 -7.52
C ARG A 39 10.90 12.83 -8.87
N ILE A 40 9.94 12.83 -9.81
CA ILE A 40 10.17 13.23 -11.19
C ILE A 40 9.51 14.59 -11.41
N SER A 41 10.31 15.57 -11.81
CA SER A 41 9.83 16.93 -12.00
C SER A 41 10.68 17.63 -13.05
N ASN A 42 10.09 18.62 -13.72
CA ASN A 42 10.75 19.46 -14.71
C ASN A 42 11.32 18.63 -15.88
N CYS A 43 10.41 17.93 -16.56
CA CYS A 43 10.83 17.14 -17.71
C CYS A 43 9.61 16.76 -18.53
N VAL A 44 9.88 16.31 -19.76
CA VAL A 44 8.85 15.87 -20.70
C VAL A 44 8.80 14.35 -20.68
N ALA A 45 7.61 13.80 -20.46
CA ALA A 45 7.42 12.36 -20.32
C ALA A 45 6.70 11.80 -21.53
N ASP A 46 7.07 10.58 -21.93
CA ASP A 46 6.44 9.88 -23.05
C ASP A 46 5.91 8.54 -22.53
N TYR A 47 4.59 8.43 -22.43
CA TYR A 47 3.96 7.19 -22.00
C TYR A 47 3.60 6.28 -23.16
N SER A 48 4.10 6.58 -24.35
CA SER A 48 3.99 5.63 -25.45
C SER A 48 4.81 4.38 -25.15
N VAL A 49 6.11 4.54 -24.90
CA VAL A 49 7.02 3.41 -24.75
C VAL A 49 6.59 2.48 -23.63
N LEU A 50 5.93 3.02 -22.59
CA LEU A 50 5.62 2.22 -21.42
C LEU A 50 4.54 1.18 -21.71
N TYR A 51 3.37 1.62 -22.16
CA TYR A 51 2.30 0.67 -22.49
C TYR A 51 2.64 -0.20 -23.69
N ASN A 52 3.66 0.16 -24.46
CA ASN A 52 3.97 -0.54 -25.70
C ASN A 52 4.97 -1.66 -25.52
N SER A 53 5.45 -1.89 -24.29
CA SER A 53 6.28 -3.05 -24.02
C SER A 53 5.43 -4.30 -23.89
N ALA A 54 6.09 -5.45 -23.96
CA ALA A 54 5.41 -6.75 -23.82
C ALA A 54 5.98 -7.59 -22.69
N SER A 55 6.85 -7.02 -21.86
CA SER A 55 7.44 -7.74 -20.74
C SER A 55 6.70 -7.52 -19.43
N PHE A 56 5.56 -6.82 -19.47
CA PHE A 56 4.80 -6.49 -18.28
C PHE A 56 3.63 -7.45 -18.13
N SER A 57 3.58 -8.18 -17.03
CA SER A 57 2.51 -9.13 -16.76
C SER A 57 1.29 -8.48 -16.12
N THR A 58 1.47 -7.34 -15.44
CA THR A 58 0.36 -6.59 -14.88
C THR A 58 0.50 -5.14 -15.31
N PHE A 59 -0.59 -4.58 -15.83
CA PHE A 59 -0.61 -3.17 -16.23
C PHE A 59 -2.05 -2.67 -16.06
N LYS A 60 -2.37 -2.26 -14.84
CA LYS A 60 -3.69 -1.73 -14.51
C LYS A 60 -3.55 -0.28 -14.12
N CYS A 61 -4.39 0.58 -14.69
CA CYS A 61 -4.40 2.00 -14.40
C CYS A 61 -5.70 2.37 -13.70
N TYR A 62 -5.60 3.29 -12.74
CA TYR A 62 -6.72 3.70 -11.92
C TYR A 62 -6.86 5.21 -11.99
N GLY A 63 -8.03 5.68 -12.40
CA GLY A 63 -8.31 7.10 -12.47
C GLY A 63 -7.88 7.78 -13.74
N VAL A 64 -7.12 7.12 -14.61
CA VAL A 64 -6.61 7.74 -15.82
C VAL A 64 -6.25 6.64 -16.82
N SER A 65 -6.55 6.89 -18.09
CA SER A 65 -6.22 5.95 -19.16
C SER A 65 -4.73 6.03 -19.50
N PRO A 66 -4.11 4.90 -19.86
CA PRO A 66 -2.67 4.93 -20.16
C PRO A 66 -2.34 5.66 -21.43
N THR A 67 -3.27 5.68 -22.39
CA THR A 67 -3.09 6.43 -23.63
C THR A 67 -3.46 7.90 -23.47
N LYS A 68 -4.16 8.25 -22.39
CA LYS A 68 -4.53 9.63 -22.15
C LYS A 68 -3.42 10.41 -21.46
N LEU A 69 -2.42 9.73 -20.90
CA LEU A 69 -1.37 10.40 -20.13
C LEU A 69 -0.51 11.30 -21.02
N ASN A 70 -0.42 10.99 -22.32
CA ASN A 70 0.34 11.84 -23.23
C ASN A 70 -0.31 13.19 -23.47
N ASP A 71 -1.47 13.47 -22.87
CA ASP A 71 -2.18 14.70 -23.09
C ASP A 71 -2.35 15.54 -21.83
N LEU A 72 -2.05 14.99 -20.66
CA LEU A 72 -2.25 15.68 -19.39
C LEU A 72 -0.93 16.27 -18.89
N CYS A 73 -1.05 17.24 -17.99
CA CYS A 73 0.07 17.80 -17.26
C CYS A 73 -0.13 17.56 -15.77
N PHE A 74 0.92 17.11 -15.10
CA PHE A 74 0.91 16.94 -13.67
C PHE A 74 2.05 17.76 -13.08
N THR A 75 1.99 17.95 -11.77
CA THR A 75 3.01 18.75 -11.12
C THR A 75 4.20 17.89 -10.69
N ASN A 76 3.94 16.79 -10.01
CA ASN A 76 4.97 15.83 -9.66
C ASN A 76 4.46 14.44 -9.97
N VAL A 77 5.33 13.64 -10.58
CA VAL A 77 5.08 12.24 -10.85
C VAL A 77 6.01 11.43 -9.98
N TYR A 78 5.44 10.60 -9.11
CA TYR A 78 6.21 9.79 -8.18
C TYR A 78 6.33 8.37 -8.71
N ALA A 79 7.55 7.82 -8.69
CA ALA A 79 7.82 6.48 -9.15
C ALA A 79 8.31 5.66 -7.96
N ASP A 80 7.43 4.82 -7.41
CA ASP A 80 7.75 3.95 -6.29
C ASP A 80 8.06 2.55 -6.81
N SER A 81 9.20 2.00 -6.39
CA SER A 81 9.65 0.70 -6.88
C SER A 81 10.09 -0.18 -5.72
N PHE A 82 9.78 -1.47 -5.82
CA PHE A 82 10.11 -2.44 -4.79
C PHE A 82 9.99 -3.85 -5.40
N VAL A 83 10.06 -4.87 -4.56
CA VAL A 83 10.00 -6.26 -5.01
C VAL A 83 9.12 -7.05 -4.06
N ILE A 84 8.13 -7.76 -4.63
CA ILE A 84 7.28 -8.68 -3.90
C ILE A 84 7.14 -9.95 -4.72
N ARG A 85 6.57 -10.98 -4.11
CA ARG A 85 6.36 -12.21 -4.87
C ARG A 85 5.06 -12.11 -5.67
N GLY A 86 4.88 -13.09 -6.57
CA GLY A 86 3.83 -12.98 -7.57
C GLY A 86 2.44 -12.94 -6.98
N ASP A 87 2.17 -13.77 -5.98
CA ASP A 87 0.84 -13.80 -5.37
C ASP A 87 0.49 -12.51 -4.65
N GLU A 88 1.50 -11.72 -4.24
CA GLU A 88 1.26 -10.47 -3.55
C GLU A 88 1.00 -9.30 -4.48
N VAL A 89 1.18 -9.48 -5.79
CA VAL A 89 0.98 -8.38 -6.73
C VAL A 89 -0.46 -7.88 -6.69
N ARG A 90 -1.41 -8.77 -6.38
CA ARG A 90 -2.82 -8.38 -6.33
C ARG A 90 -3.09 -7.36 -5.23
N GLN A 91 -2.21 -7.26 -4.23
CA GLN A 91 -2.44 -6.34 -3.12
C GLN A 91 -2.01 -4.91 -3.42
N ILE A 92 -1.22 -4.69 -4.47
CA ILE A 92 -0.81 -3.34 -4.85
C ILE A 92 -1.94 -2.73 -5.68
N ALA A 93 -3.04 -2.37 -5.00
CA ALA A 93 -4.22 -1.83 -5.65
C ALA A 93 -5.02 -1.09 -4.59
N PRO A 94 -5.83 -0.10 -4.98
CA PRO A 94 -6.59 0.65 -3.97
C PRO A 94 -7.57 -0.24 -3.21
N GLY A 95 -7.66 0.00 -1.90
CA GLY A 95 -8.59 -0.74 -1.06
C GLY A 95 -8.28 -2.22 -0.92
N GLN A 96 -7.02 -2.57 -0.72
CA GLN A 96 -6.61 -3.95 -0.55
C GLN A 96 -6.18 -4.21 0.89
N THR A 97 -6.16 -5.49 1.26
CA THR A 97 -5.67 -5.93 2.55
C THR A 97 -4.74 -7.12 2.36
N GLY A 98 -3.98 -7.42 3.40
CA GLY A 98 -2.93 -8.40 3.36
C GLY A 98 -1.65 -7.86 3.97
N ASN A 99 -0.65 -8.74 4.04
CA ASN A 99 0.61 -8.36 4.71
C ASN A 99 1.29 -7.21 3.99
N ILE A 100 1.27 -7.20 2.66
CA ILE A 100 1.92 -6.14 1.91
C ILE A 100 1.09 -4.85 2.00
N ALA A 101 -0.21 -4.96 1.76
CA ALA A 101 -1.06 -3.77 1.71
C ALA A 101 -1.22 -3.12 3.08
N ASP A 102 -1.12 -3.91 4.16
CA ASP A 102 -1.31 -3.36 5.49
C ASP A 102 -0.01 -2.94 6.15
N TYR A 103 1.11 -3.61 5.87
CA TYR A 103 2.34 -3.41 6.62
C TYR A 103 3.52 -2.91 5.82
N ASN A 104 3.45 -2.87 4.49
CA ASN A 104 4.63 -2.55 3.71
C ASN A 104 4.41 -1.41 2.72
N TYR A 105 3.34 -1.50 1.92
CA TYR A 105 3.06 -0.46 0.94
C TYR A 105 1.54 -0.38 0.76
N LYS A 106 0.94 0.71 1.24
CA LYS A 106 -0.49 0.91 1.16
C LYS A 106 -0.80 1.96 0.10
N LEU A 107 -1.70 1.61 -0.81
CA LEU A 107 -2.17 2.62 -1.73
C LEU A 107 -3.47 3.24 -1.22
N PRO A 108 -3.72 4.51 -1.49
CA PRO A 108 -4.97 5.13 -1.04
C PRO A 108 -6.16 4.59 -1.82
N ASP A 109 -7.34 4.79 -1.24
CA ASP A 109 -8.56 4.27 -1.87
C ASP A 109 -8.93 5.05 -3.13
N ASP A 110 -8.54 6.32 -3.20
CA ASP A 110 -8.77 7.15 -4.39
C ASP A 110 -7.49 7.32 -5.21
N PHE A 111 -6.72 6.23 -5.35
CA PHE A 111 -5.43 6.31 -6.01
C PHE A 111 -5.58 6.68 -7.48
N THR A 112 -4.79 7.65 -7.92
CA THR A 112 -4.78 8.12 -9.31
C THR A 112 -3.41 7.81 -9.91
N GLY A 113 -3.34 6.74 -10.69
CA GLY A 113 -2.09 6.36 -11.30
C GLY A 113 -2.19 4.96 -11.90
N CYS A 114 -1.02 4.42 -12.24
CA CYS A 114 -0.92 3.10 -12.84
C CYS A 114 0.05 2.25 -12.03
N VAL A 115 -0.20 0.94 -12.00
CA VAL A 115 0.66 -0.02 -11.34
C VAL A 115 1.24 -0.93 -12.40
N ILE A 116 2.57 -1.06 -12.40
CA ILE A 116 3.29 -1.85 -13.39
C ILE A 116 4.15 -2.87 -12.67
N ALA A 117 4.16 -4.11 -13.17
CA ALA A 117 4.92 -5.18 -12.55
C ALA A 117 5.33 -6.19 -13.61
N TRP A 118 6.47 -6.85 -13.37
CA TRP A 118 6.95 -7.86 -14.29
C TRP A 118 7.72 -8.92 -13.53
N ASN A 119 7.72 -10.14 -14.08
CA ASN A 119 8.43 -11.26 -13.48
C ASN A 119 9.93 -11.02 -13.56
N SER A 120 10.58 -10.93 -12.40
CA SER A 120 12.01 -10.67 -12.32
C SER A 120 12.78 -11.87 -11.80
N ASN A 121 12.24 -13.08 -12.00
CA ASN A 121 12.89 -14.28 -11.50
C ASN A 121 14.31 -14.43 -12.05
N ASN A 122 14.54 -13.98 -13.28
CA ASN A 122 15.87 -14.04 -13.87
C ASN A 122 16.86 -13.12 -13.15
N LEU A 123 16.38 -12.19 -12.34
CA LEU A 123 17.23 -11.16 -11.76
C LEU A 123 17.33 -11.20 -10.23
N ASP A 124 16.27 -11.61 -9.53
CA ASP A 124 16.18 -11.45 -8.09
C ASP A 124 16.19 -12.74 -7.31
N SER A 125 16.34 -13.90 -7.96
CA SER A 125 16.34 -15.18 -7.27
C SER A 125 17.70 -15.85 -7.45
N LYS A 126 18.19 -16.48 -6.38
CA LYS A 126 19.48 -17.13 -6.38
C LYS A 126 19.32 -18.61 -6.04
N VAL A 127 20.19 -19.42 -6.64
CA VAL A 127 20.33 -20.82 -6.23
C VAL A 127 20.70 -20.85 -4.75
N GLY A 128 19.90 -21.54 -3.95
CA GLY A 128 20.05 -21.50 -2.52
C GLY A 128 19.27 -20.40 -1.83
N GLY A 129 18.65 -19.50 -2.60
CA GLY A 129 17.84 -18.47 -1.99
C GLY A 129 18.51 -17.12 -1.95
N ASN A 130 17.82 -16.11 -2.50
CA ASN A 130 18.23 -14.72 -2.37
C ASN A 130 17.49 -14.15 -1.16
N TYR A 131 18.20 -14.02 -0.05
CA TYR A 131 17.62 -13.53 1.19
C TYR A 131 17.82 -12.04 1.38
N ASN A 132 18.03 -11.31 0.29
CA ASN A 132 18.19 -9.87 0.35
C ASN A 132 16.86 -9.12 0.30
N TYR A 133 15.81 -9.73 -0.24
CA TYR A 133 14.52 -9.08 -0.33
C TYR A 133 13.66 -9.47 0.88
N LEU A 134 13.21 -8.46 1.62
CA LEU A 134 12.52 -8.64 2.87
C LEU A 134 11.15 -7.99 2.80
N TYR A 135 10.35 -8.23 3.84
CA TYR A 135 9.04 -7.60 3.96
C TYR A 135 8.66 -7.57 5.43
N ARG A 136 7.92 -6.53 5.82
CA ARG A 136 7.50 -6.38 7.19
C ARG A 136 6.34 -7.32 7.47
N LEU A 137 6.56 -8.27 8.37
CA LEU A 137 5.54 -9.25 8.71
C LEU A 137 4.67 -8.79 9.87
N PHE A 138 5.21 -8.03 10.82
CA PHE A 138 4.48 -7.64 12.02
C PHE A 138 4.39 -6.13 12.11
N ARG A 139 3.22 -5.66 12.50
CA ARG A 139 3.00 -4.27 12.79
C ARG A 139 1.72 -4.15 13.61
N LYS A 140 1.63 -3.10 14.42
CA LYS A 140 0.53 -2.96 15.35
C LYS A 140 -0.75 -2.51 14.66
N SER A 141 -0.68 -1.41 13.90
CA SER A 141 -1.81 -0.91 13.14
C SER A 141 -1.43 -0.80 11.68
N ASN A 142 -2.45 -0.69 10.82
CA ASN A 142 -2.22 -0.70 9.39
C ASN A 142 -1.49 0.56 8.94
N LEU A 143 -0.64 0.38 7.93
CA LEU A 143 -0.02 1.53 7.28
C LEU A 143 -1.09 2.43 6.68
N LYS A 144 -0.86 3.71 6.76
CA LYS A 144 -1.67 4.67 6.05
C LYS A 144 -1.12 4.87 4.65
N PRO A 145 -1.92 5.42 3.71
CA PRO A 145 -1.47 5.49 2.32
C PRO A 145 -0.10 6.13 2.16
N PHE A 146 0.75 5.48 1.37
CA PHE A 146 2.10 5.94 1.05
C PHE A 146 2.95 6.12 2.31
N GLU A 147 2.81 5.19 3.26
CA GLU A 147 3.64 5.17 4.45
C GLU A 147 4.73 4.13 4.28
N ARG A 148 5.93 4.44 4.79
CA ARG A 148 7.09 3.57 4.68
C ARG A 148 7.65 3.36 6.07
N ASP A 149 7.52 2.15 6.60
CA ASP A 149 8.04 1.80 7.92
C ASP A 149 9.33 1.00 7.73
N ILE A 150 10.45 1.59 8.13
CA ILE A 150 11.77 0.97 8.01
C ILE A 150 12.31 0.56 9.37
N SER A 151 11.48 0.58 10.41
CA SER A 151 11.93 0.22 11.75
C SER A 151 12.36 -1.23 11.81
N THR A 152 13.40 -1.50 12.61
CA THR A 152 13.86 -2.85 12.88
C THR A 152 13.79 -3.18 14.37
N GLU A 153 12.94 -2.47 15.10
CA GLU A 153 12.75 -2.71 16.53
C GLU A 153 12.07 -4.06 16.74
N ILE A 154 12.41 -4.71 17.85
CA ILE A 154 11.88 -6.04 18.12
C ILE A 154 10.44 -5.92 18.59
N TYR A 155 9.53 -6.48 17.81
CA TYR A 155 8.10 -6.41 18.12
C TYR A 155 7.80 -7.14 19.42
N GLN A 156 7.05 -6.48 20.30
CA GLN A 156 6.63 -7.03 21.58
C GLN A 156 5.13 -7.32 21.56
N ALA A 157 4.72 -8.57 21.89
CA ALA A 157 3.28 -8.80 22.12
C ALA A 157 2.88 -8.96 23.55
N GLY A 158 3.06 -7.94 24.36
CA GLY A 158 2.59 -8.06 25.70
C GLY A 158 3.58 -7.33 26.55
N SER A 159 4.28 -8.07 27.39
CA SER A 159 5.23 -7.45 28.30
C SER A 159 6.20 -8.51 28.80
N THR A 160 7.13 -8.91 27.95
CA THR A 160 8.07 -9.92 28.38
C THR A 160 9.50 -9.44 28.20
N PRO A 161 10.32 -9.53 29.24
CA PRO A 161 11.74 -9.17 29.15
C PRO A 161 12.43 -10.03 28.10
N CYS A 162 13.38 -9.42 27.38
CA CYS A 162 14.11 -10.18 26.34
C CYS A 162 15.46 -9.54 26.01
N ASN A 163 15.51 -8.24 25.72
CA ASN A 163 16.72 -7.42 25.59
C ASN A 163 17.36 -7.58 24.23
N GLY A 164 16.53 -7.49 23.18
CA GLY A 164 17.07 -7.76 21.86
C GLY A 164 17.35 -9.21 21.58
N VAL A 165 17.04 -10.12 22.52
CA VAL A 165 17.20 -11.56 22.29
C VAL A 165 15.90 -12.20 21.78
N LYS A 166 15.96 -12.76 20.56
CA LYS A 166 14.78 -13.37 19.95
C LYS A 166 14.25 -14.46 20.85
N GLY A 167 13.43 -14.04 21.75
CA GLY A 167 12.81 -15.02 22.56
C GLY A 167 11.34 -14.80 22.41
N PHE A 168 10.75 -15.20 23.49
CA PHE A 168 9.34 -15.15 23.69
C PHE A 168 8.78 -13.78 23.66
N ASN A 169 7.68 -13.57 22.95
CA ASN A 169 7.09 -12.25 22.84
C ASN A 169 8.18 -11.21 22.58
N CYS A 170 9.08 -11.53 21.65
CA CYS A 170 10.19 -10.66 21.29
C CYS A 170 10.86 -11.21 20.04
N TYR A 171 10.28 -10.96 18.88
CA TYR A 171 10.77 -11.47 17.61
C TYR A 171 11.11 -10.34 16.65
N PHE A 172 11.84 -10.68 15.60
CA PHE A 172 12.27 -9.73 14.59
C PHE A 172 11.13 -9.46 13.60
N PRO A 173 10.83 -8.19 13.28
CA PRO A 173 9.62 -7.91 12.49
C PRO A 173 9.75 -8.18 11.00
N LEU A 174 10.94 -8.20 10.44
CA LEU A 174 11.09 -8.39 9.01
C LEU A 174 11.28 -9.87 8.68
N GLN A 175 10.92 -10.23 7.44
CA GLN A 175 10.96 -11.62 7.01
C GLN A 175 11.46 -11.68 5.58
N SER A 176 12.27 -12.70 5.29
CA SER A 176 12.93 -12.82 4.00
C SER A 176 12.09 -13.64 3.03
N TYR A 177 12.17 -13.30 1.75
CA TYR A 177 11.50 -14.06 0.72
C TYR A 177 12.25 -15.34 0.38
N GLY A 178 13.58 -15.25 0.26
CA GLY A 178 14.36 -16.38 -0.15
C GLY A 178 14.02 -16.85 -1.55
N PHE A 179 13.99 -15.92 -2.49
CA PHE A 179 13.61 -16.24 -3.86
C PHE A 179 14.58 -17.26 -4.45
N GLN A 180 14.06 -18.42 -4.83
CA GLN A 180 14.82 -19.41 -5.58
C GLN A 180 14.19 -19.62 -6.94
N PRO A 181 14.97 -19.97 -7.96
CA PRO A 181 14.43 -20.02 -9.32
C PRO A 181 13.44 -21.14 -9.56
N THR A 182 13.50 -22.23 -8.81
CA THR A 182 12.57 -23.34 -9.00
C THR A 182 11.23 -23.12 -8.30
N TYR A 183 11.01 -21.94 -7.73
CA TYR A 183 9.76 -21.67 -7.06
C TYR A 183 8.61 -21.57 -8.06
N GLY A 184 7.40 -21.76 -7.55
CA GLY A 184 6.22 -21.43 -8.32
C GLY A 184 6.11 -19.94 -8.55
N VAL A 185 5.44 -19.56 -9.65
CA VAL A 185 5.34 -18.16 -10.02
C VAL A 185 4.68 -17.33 -8.93
N GLY A 186 3.86 -17.96 -8.07
CA GLY A 186 3.29 -17.24 -6.94
C GLY A 186 4.31 -16.84 -5.90
N TYR A 187 5.46 -17.52 -5.84
CA TYR A 187 6.51 -17.19 -4.90
C TYR A 187 7.75 -16.60 -5.56
N GLN A 188 7.72 -16.37 -6.87
CA GLN A 188 8.83 -15.78 -7.60
C GLN A 188 8.85 -14.26 -7.41
N PRO A 189 10.01 -13.63 -7.52
CA PRO A 189 10.08 -12.18 -7.31
C PRO A 189 9.45 -11.42 -8.47
N TYR A 190 8.72 -10.36 -8.12
CA TYR A 190 8.10 -9.48 -9.10
C TYR A 190 8.48 -8.05 -8.78
N ARG A 191 9.08 -7.36 -9.76
CA ARG A 191 9.44 -5.96 -9.61
C ARG A 191 8.24 -5.09 -9.93
N VAL A 192 7.91 -4.18 -9.02
CA VAL A 192 6.71 -3.35 -9.12
C VAL A 192 7.14 -1.88 -9.15
N VAL A 193 6.65 -1.14 -10.14
CA VAL A 193 6.83 0.30 -10.22
C VAL A 193 5.45 0.94 -10.15
N VAL A 194 5.26 1.81 -9.15
CA VAL A 194 3.97 2.48 -8.93
C VAL A 194 4.13 3.93 -9.37
N LEU A 195 3.43 4.30 -10.44
CA LEU A 195 3.45 5.66 -10.94
C LEU A 195 2.28 6.43 -10.35
N SER A 196 2.58 7.44 -9.53
CA SER A 196 1.58 8.30 -8.91
C SER A 196 1.60 9.66 -9.59
N PHE A 197 0.43 10.09 -10.06
CA PHE A 197 0.30 11.35 -10.80
C PHE A 197 -0.36 12.38 -9.89
N GLU A 198 0.44 13.33 -9.41
CA GLU A 198 -0.02 14.34 -8.46
C GLU A 198 -0.29 15.64 -9.22
N LEU A 199 -1.56 15.84 -9.62
CA LEU A 199 -1.97 17.07 -10.32
C LEU A 199 -2.15 18.17 -9.27
N LEU A 200 -1.02 18.65 -8.76
CA LEU A 200 -1.05 19.66 -7.71
C LEU A 200 -1.45 20.99 -8.32
N HIS A 201 -1.75 21.96 -7.47
CA HIS A 201 -2.18 23.29 -7.92
C HIS A 201 -0.97 24.21 -7.90
N ALA A 202 -0.34 24.46 -9.07
CA ALA A 202 1.05 24.88 -9.02
C ALA A 202 1.58 25.13 -10.43
N PRO A 203 2.91 25.15 -10.67
CA PRO A 203 3.35 25.25 -12.05
C PRO A 203 3.54 23.89 -12.64
N ALA A 204 2.98 23.67 -13.83
CA ALA A 204 3.05 22.39 -14.49
C ALA A 204 4.48 22.06 -14.82
N THR A 205 5.01 21.01 -14.19
CA THR A 205 6.40 20.61 -14.39
C THR A 205 6.52 19.39 -15.28
N VAL A 206 5.59 18.46 -15.21
CA VAL A 206 5.66 17.20 -15.95
C VAL A 206 4.42 17.11 -16.82
N CYS A 207 4.61 17.29 -18.13
CA CYS A 207 3.56 17.09 -19.12
C CYS A 207 3.92 15.91 -20.02
N GLY A 208 2.90 15.33 -20.65
CA GLY A 208 3.09 14.19 -21.52
C GLY A 208 3.22 14.62 -22.97
N LYS A 209 4.16 13.99 -23.68
CA LYS A 209 4.38 14.28 -25.09
C LYS A 209 5.25 13.19 -25.73
N ASN B 16 18.13 24.02 38.17
CA ASN B 16 16.71 24.25 37.94
C ASN B 16 16.18 23.35 36.81
N LEU B 17 14.90 23.50 36.48
CA LEU B 17 14.22 22.61 35.56
C LEU B 17 14.36 23.09 34.11
N CYS B 18 13.98 22.22 33.18
CA CYS B 18 14.00 22.51 31.75
C CYS B 18 12.66 23.11 31.32
N PRO B 19 12.69 24.13 30.47
CA PRO B 19 11.46 24.88 30.13
C PRO B 19 10.63 24.20 29.04
N PHE B 20 10.15 23.00 29.33
CA PHE B 20 9.25 22.33 28.40
C PHE B 20 7.92 23.04 28.28
N GLY B 21 7.49 23.72 29.36
CA GLY B 21 6.21 24.43 29.32
C GLY B 21 6.18 25.54 28.29
N GLU B 22 7.31 26.21 28.07
CA GLU B 22 7.36 27.30 27.10
C GLU B 22 7.11 26.81 25.68
N VAL B 23 7.37 25.53 25.40
CA VAL B 23 7.17 24.99 24.06
C VAL B 23 5.79 24.35 23.94
N PHE B 24 5.43 23.47 24.88
CA PHE B 24 4.15 22.77 24.79
C PHE B 24 2.98 23.71 25.09
N ASN B 25 3.13 24.59 26.08
CA ASN B 25 2.08 25.53 26.45
C ASN B 25 2.27 26.90 25.79
N ALA B 26 2.92 26.95 24.64
CA ALA B 26 3.08 28.21 23.93
C ALA B 26 1.75 28.60 23.27
N THR B 27 1.45 29.91 23.31
CA THR B 27 0.17 30.38 22.80
C THR B 27 0.07 30.31 21.28
N ARG B 28 1.19 30.36 20.57
CA ARG B 28 1.18 30.32 19.12
C ARG B 28 2.39 29.55 18.63
N PHE B 29 2.14 28.66 17.66
CA PHE B 29 3.19 27.86 17.04
C PHE B 29 3.58 28.45 15.70
N ALA B 30 4.68 27.94 15.16
CA ALA B 30 5.16 28.38 13.87
C ALA B 30 4.59 27.50 12.76
N SER B 31 4.59 28.03 11.55
CA SER B 31 4.22 27.22 10.39
C SER B 31 5.29 26.16 10.17
N VAL B 32 4.87 25.05 9.56
CA VAL B 32 5.74 23.88 9.47
C VAL B 32 6.96 24.17 8.59
N TYR B 33 6.81 25.02 7.57
CA TYR B 33 7.96 25.34 6.73
C TYR B 33 9.01 26.11 7.52
N ALA B 34 8.59 26.97 8.45
CA ALA B 34 9.50 27.69 9.32
C ALA B 34 9.36 27.18 10.75
N TRP B 35 9.60 25.89 10.95
CA TRP B 35 9.40 25.27 12.24
C TRP B 35 10.39 25.81 13.26
N ASN B 36 9.92 25.96 14.50
CA ASN B 36 10.75 26.50 15.57
C ASN B 36 11.67 25.42 16.13
N ARG B 37 12.76 25.88 16.74
CA ARG B 37 13.70 25.00 17.43
C ARG B 37 14.12 25.66 18.73
N LYS B 38 13.86 24.98 19.85
CA LYS B 38 14.24 25.43 21.17
C LYS B 38 15.38 24.57 21.67
N ARG B 39 16.53 25.18 21.95
CA ARG B 39 17.70 24.45 22.40
C ARG B 39 17.72 24.41 23.92
N ILE B 40 17.61 23.20 24.48
CA ILE B 40 17.48 23.00 25.92
C ILE B 40 18.80 22.45 26.44
N SER B 41 19.40 23.17 27.39
CA SER B 41 20.69 22.78 27.94
C SER B 41 20.81 23.29 29.37
N ASN B 42 21.64 22.60 30.17
CA ASN B 42 21.94 22.98 31.54
C ASN B 42 20.69 23.05 32.42
N CYS B 43 20.00 21.91 32.51
CA CYS B 43 18.80 21.85 33.35
C CYS B 43 18.45 20.38 33.60
N VAL B 44 17.59 20.18 34.59
CA VAL B 44 17.09 18.87 34.97
C VAL B 44 15.71 18.67 34.37
N ALA B 45 15.52 17.58 33.63
CA ALA B 45 14.28 17.30 32.92
C ALA B 45 13.53 16.16 33.59
N ASP B 46 12.20 16.26 33.59
CA ASP B 46 11.33 15.22 34.13
C ASP B 46 10.38 14.77 33.02
N TYR B 47 10.59 13.55 32.53
CA TYR B 47 9.72 12.99 31.51
C TYR B 47 8.59 12.16 32.09
N SER B 48 8.37 12.27 33.40
CA SER B 48 7.15 11.72 33.98
C SER B 48 5.93 12.46 33.45
N VAL B 49 5.92 13.80 33.60
CA VAL B 49 4.71 14.57 33.31
C VAL B 49 4.30 14.45 31.85
N LEU B 50 5.27 14.23 30.96
CA LEU B 50 4.97 14.23 29.54
C LEU B 50 4.15 13.02 29.14
N TYR B 51 4.67 11.81 29.38
CA TYR B 51 3.92 10.60 29.01
C TYR B 51 2.65 10.44 29.83
N ASN B 52 2.49 11.19 30.90
CA ASN B 52 1.40 10.98 31.83
C ASN B 52 0.21 11.88 31.55
N SER B 53 0.28 12.71 30.52
CA SER B 53 -0.87 13.47 30.08
C SER B 53 -1.80 12.58 29.25
N ALA B 54 -3.02 13.06 29.05
CA ALA B 54 -4.02 12.34 28.27
C ALA B 54 -4.54 13.17 27.10
N SER B 55 -3.94 14.32 26.82
CA SER B 55 -4.36 15.18 25.73
C SER B 55 -3.57 14.93 24.44
N PHE B 56 -2.70 13.92 24.43
CA PHE B 56 -1.84 13.64 23.29
C PHE B 56 -2.43 12.49 22.48
N SER B 57 -2.73 12.75 21.21
CA SER B 57 -3.29 11.72 20.34
C SER B 57 -2.23 10.87 19.66
N THR B 58 -1.00 11.37 19.54
CA THR B 58 0.12 10.60 19.03
C THR B 58 1.29 10.73 19.99
N PHE B 59 1.87 9.58 20.37
CA PHE B 59 3.04 9.59 21.25
C PHE B 59 3.87 8.34 20.90
N LYS B 60 4.71 8.48 19.88
CA LYS B 60 5.58 7.41 19.43
C LYS B 60 7.02 7.82 19.67
N CYS B 61 7.80 6.92 20.27
CA CYS B 61 9.21 7.15 20.55
C CYS B 61 10.06 6.20 19.70
N TYR B 62 11.19 6.71 19.23
CA TYR B 62 12.08 5.97 18.34
C TYR B 62 13.47 5.98 18.95
N GLY B 63 14.03 4.79 19.17
CA GLY B 63 15.37 4.64 19.68
C GLY B 63 15.50 4.69 21.19
N VAL B 64 14.44 5.04 21.91
CA VAL B 64 14.50 5.17 23.36
C VAL B 64 13.09 5.08 23.93
N SER B 65 12.96 4.39 25.07
CA SER B 65 11.68 4.25 25.74
C SER B 65 11.32 5.55 26.48
N PRO B 66 10.04 5.90 26.54
CA PRO B 66 9.66 7.16 27.21
C PRO B 66 9.84 7.11 28.71
N THR B 67 9.75 5.92 29.30
CA THR B 67 10.00 5.75 30.73
C THR B 67 11.47 5.60 31.05
N LYS B 68 12.31 5.34 30.04
CA LYS B 68 13.74 5.22 30.24
C LYS B 68 14.44 6.57 30.22
N LEU B 69 13.77 7.61 29.74
CA LEU B 69 14.42 8.92 29.61
C LEU B 69 14.78 9.53 30.97
N ASN B 70 14.05 9.16 32.03
CA ASN B 70 14.36 9.64 33.37
C ASN B 70 15.67 9.09 33.92
N ASP B 71 16.37 8.23 33.17
CA ASP B 71 17.61 7.62 33.63
C ASP B 71 18.82 7.96 32.78
N LEU B 72 18.63 8.58 31.63
CA LEU B 72 19.72 8.88 30.71
C LEU B 72 20.14 10.34 30.84
N CYS B 73 21.35 10.62 30.37
CA CYS B 73 21.87 11.97 30.26
C CYS B 73 22.17 12.25 28.80
N PHE B 74 21.74 13.41 28.32
CA PHE B 74 22.06 13.87 26.99
C PHE B 74 22.76 15.21 27.08
N THR B 75 23.38 15.61 25.98
CA THR B 75 24.12 16.87 25.96
C THR B 75 23.21 18.04 25.60
N ASN B 76 22.47 17.90 24.51
CA ASN B 76 21.49 18.90 24.12
C ASN B 76 20.21 18.18 23.74
N VAL B 77 19.10 18.71 24.21
CA VAL B 77 17.77 18.23 23.85
C VAL B 77 17.10 19.33 23.03
N TYR B 78 16.75 19.00 21.79
CA TYR B 78 16.14 19.95 20.88
C TYR B 78 14.63 19.73 20.84
N ALA B 79 13.89 20.83 20.95
CA ALA B 79 12.42 20.80 20.93
C ALA B 79 11.96 21.58 19.69
N ASP B 80 11.55 20.85 18.65
CA ASP B 80 11.05 21.44 17.43
C ASP B 80 9.52 21.42 17.45
N SER B 81 8.91 22.56 17.18
CA SER B 81 7.46 22.69 17.24
C SER B 81 6.94 23.40 16.01
N PHE B 82 5.79 22.95 15.52
CA PHE B 82 5.15 23.51 14.33
C PHE B 82 3.69 23.05 14.32
N VAL B 83 3.00 23.30 13.20
CA VAL B 83 1.59 22.95 13.07
C VAL B 83 1.36 22.36 11.68
N ILE B 84 0.73 21.18 11.65
CA ILE B 84 0.31 20.52 10.42
C ILE B 84 -1.12 20.00 10.63
N ARG B 85 -1.73 19.56 9.54
CA ARG B 85 -3.06 18.99 9.68
C ARG B 85 -2.96 17.52 10.08
N GLY B 86 -4.12 16.96 10.46
CA GLY B 86 -4.12 15.64 11.10
C GLY B 86 -3.58 14.54 10.21
N ASP B 87 -3.97 14.54 8.94
CA ASP B 87 -3.52 13.49 8.03
C ASP B 87 -2.02 13.54 7.79
N GLU B 88 -1.38 14.68 8.00
CA GLU B 88 0.06 14.81 7.78
C GLU B 88 0.89 14.39 8.98
N VAL B 89 0.26 14.10 10.12
CA VAL B 89 1.01 13.71 11.32
C VAL B 89 1.79 12.42 11.07
N ARG B 90 1.27 11.54 10.21
CA ARG B 90 1.95 10.29 9.92
C ARG B 90 3.30 10.49 9.25
N GLN B 91 3.54 11.66 8.66
CA GLN B 91 4.79 11.91 7.95
C GLN B 91 5.92 12.35 8.87
N ILE B 92 5.61 12.77 10.09
CA ILE B 92 6.64 13.15 11.05
C ILE B 92 7.17 11.88 11.71
N ALA B 93 7.96 11.12 10.96
CA ALA B 93 8.51 9.85 11.41
C ALA B 93 9.70 9.51 10.53
N PRO B 94 10.66 8.73 11.02
CA PRO B 94 11.84 8.43 10.20
C PRO B 94 11.48 7.68 8.93
N GLY B 95 12.14 8.05 7.84
CA GLY B 95 11.93 7.38 6.57
C GLY B 95 10.55 7.57 5.96
N GLN B 96 10.02 8.78 5.99
CA GLN B 96 8.71 9.09 5.44
C GLN B 96 8.86 9.95 4.19
N THR B 97 7.80 9.95 3.38
CA THR B 97 7.71 10.80 2.21
C THR B 97 6.35 11.49 2.18
N GLY B 98 6.26 12.52 1.35
CA GLY B 98 5.10 13.40 1.31
C GLY B 98 5.54 14.86 1.31
N ASN B 99 4.54 15.73 1.21
CA ASN B 99 4.83 17.15 1.09
C ASN B 99 5.51 17.68 2.34
N ILE B 100 5.09 17.22 3.52
CA ILE B 100 5.70 17.69 4.77
C ILE B 100 7.08 17.07 4.96
N ALA B 101 7.17 15.75 4.76
CA ALA B 101 8.43 15.06 5.02
C ALA B 101 9.51 15.44 4.01
N ASP B 102 9.12 15.80 2.79
CA ASP B 102 10.10 16.12 1.76
C ASP B 102 10.43 17.61 1.69
N TYR B 103 9.47 18.50 2.00
CA TYR B 103 9.65 19.92 1.74
C TYR B 103 9.59 20.81 2.97
N ASN B 104 9.21 20.30 4.14
CA ASN B 104 9.00 21.18 5.28
C ASN B 104 9.76 20.76 6.52
N TYR B 105 9.66 19.49 6.90
CA TYR B 105 10.35 18.99 8.09
C TYR B 105 10.69 17.53 7.86
N LYS B 106 11.97 17.24 7.68
CA LYS B 106 12.45 15.88 7.43
C LYS B 106 13.13 15.34 8.68
N LEU B 107 12.70 14.17 9.11
CA LEU B 107 13.44 13.51 10.18
C LEU B 107 14.44 12.52 9.59
N PRO B 108 15.58 12.33 10.25
CA PRO B 108 16.57 11.37 9.75
C PRO B 108 16.07 9.95 9.90
N ASP B 109 16.71 9.05 9.14
CA ASP B 109 16.28 7.65 9.17
C ASP B 109 16.67 6.96 10.48
N ASP B 110 17.73 7.42 11.13
CA ASP B 110 18.15 6.90 12.43
C ASP B 110 17.76 7.84 13.56
N PHE B 111 16.56 8.41 13.50
CA PHE B 111 16.14 9.41 14.46
C PHE B 111 16.03 8.81 15.86
N THR B 112 16.62 9.50 16.84
CA THR B 112 16.59 9.09 18.23
C THR B 112 15.82 10.14 19.02
N GLY B 113 14.56 9.86 19.33
CA GLY B 113 13.74 10.78 20.07
C GLY B 113 12.28 10.36 20.05
N CYS B 114 11.43 11.28 20.46
CA CYS B 114 9.99 11.05 20.52
C CYS B 114 9.27 12.15 19.76
N VAL B 115 8.13 11.78 19.18
CA VAL B 115 7.26 12.71 18.45
C VAL B 115 5.95 12.82 19.21
N ILE B 116 5.55 14.04 19.52
CA ILE B 116 4.35 14.31 20.30
C ILE B 116 3.46 15.27 19.51
N ALA B 117 2.16 14.98 19.49
CA ALA B 117 1.21 15.79 18.75
C ALA B 117 -0.16 15.72 19.41
N TRP B 118 -0.93 16.80 19.27
CA TRP B 118 -2.27 16.84 19.83
C TRP B 118 -3.17 17.72 18.97
N ASN B 119 -4.46 17.41 19.00
CA ASN B 119 -5.45 18.16 18.23
C ASN B 119 -5.57 19.56 18.81
N SER B 120 -5.25 20.57 17.99
CA SER B 120 -5.28 21.96 18.41
C SER B 120 -6.39 22.73 17.71
N ASN B 121 -7.45 22.04 17.29
CA ASN B 121 -8.53 22.70 16.57
C ASN B 121 -9.15 23.83 17.39
N ASN B 122 -9.19 23.68 18.71
CA ASN B 122 -9.72 24.74 19.56
C ASN B 122 -8.86 25.98 19.56
N LEU B 123 -7.64 25.90 19.05
CA LEU B 123 -6.68 26.99 19.16
C LEU B 123 -6.24 27.58 17.83
N ASP B 124 -6.17 26.79 16.76
CA ASP B 124 -5.52 27.21 15.53
C ASP B 124 -6.46 27.33 14.34
N SER B 125 -7.76 27.14 14.52
CA SER B 125 -8.72 27.26 13.42
C SER B 125 -9.69 28.40 13.71
N LYS B 126 -10.02 29.15 12.66
CA LYS B 126 -10.90 30.30 12.77
C LYS B 126 -12.12 30.12 11.86
N VAL B 127 -13.24 30.64 12.33
CA VAL B 127 -14.42 30.76 11.48
C VAL B 127 -14.05 31.60 10.26
N GLY B 128 -14.24 31.05 9.08
CA GLY B 128 -13.76 31.67 7.87
C GLY B 128 -12.36 31.27 7.47
N GLY B 129 -11.66 30.52 8.30
CA GLY B 129 -10.35 30.08 7.93
C GLY B 129 -9.22 30.85 8.59
N ASN B 130 -8.34 30.13 9.26
CA ASN B 130 -7.10 30.69 9.78
C ASN B 130 -6.03 30.46 8.74
N TYR B 131 -5.70 31.51 7.98
CA TYR B 131 -4.71 31.43 6.91
C TYR B 131 -3.32 31.83 7.36
N ASN B 132 -3.06 31.74 8.66
CA ASN B 132 -1.74 32.05 9.19
C ASN B 132 -0.78 30.87 9.16
N TYR B 133 -1.30 29.64 9.11
CA TYR B 133 -0.46 28.46 9.08
C TYR B 133 -0.23 28.03 7.64
N LEU B 134 1.03 27.95 7.25
CA LEU B 134 1.43 27.69 5.87
C LEU B 134 2.30 26.44 5.80
N TYR B 135 2.58 26.02 4.58
CA TYR B 135 3.48 24.90 4.36
C TYR B 135 4.08 25.03 2.97
N ARG B 136 5.31 24.58 2.82
CA ARG B 136 6.01 24.65 1.54
C ARG B 136 5.46 23.57 0.61
N LEU B 137 4.84 23.98 -0.48
CA LEU B 137 4.27 23.04 -1.43
C LEU B 137 5.25 22.65 -2.52
N PHE B 138 6.14 23.54 -2.92
CA PHE B 138 7.06 23.28 -4.02
C PHE B 138 8.49 23.38 -3.56
N ARG B 139 9.31 22.48 -4.07
CA ARG B 139 10.74 22.51 -3.86
C ARG B 139 11.37 21.59 -4.89
N LYS B 140 12.63 21.88 -5.22
CA LYS B 140 13.29 21.18 -6.30
C LYS B 140 13.76 19.78 -5.87
N SER B 141 14.50 19.71 -4.77
CA SER B 141 14.96 18.45 -4.22
C SER B 141 14.51 18.33 -2.77
N ASN B 142 14.53 17.11 -2.26
CA ASN B 142 14.02 16.84 -0.93
C ASN B 142 14.87 17.50 0.14
N LEU B 143 14.20 17.95 1.20
CA LEU B 143 14.92 18.42 2.38
C LEU B 143 15.76 17.31 2.95
N LYS B 144 16.92 17.68 3.44
CA LYS B 144 17.75 16.77 4.20
C LYS B 144 17.37 16.84 5.68
N PRO B 145 17.74 15.85 6.49
CA PRO B 145 17.25 15.81 7.86
C PRO B 145 17.51 17.10 8.63
N PHE B 146 16.45 17.57 9.31
CA PHE B 146 16.50 18.78 10.14
C PHE B 146 16.88 20.00 9.31
N GLU B 147 16.37 20.10 8.10
CA GLU B 147 16.55 21.27 7.27
C GLU B 147 15.31 22.13 7.31
N ARG B 148 15.50 23.46 7.31
CA ARG B 148 14.41 24.43 7.40
C ARG B 148 14.56 25.40 6.24
N ASP B 149 13.64 25.33 5.28
CA ASP B 149 13.64 26.22 4.12
C ASP B 149 12.58 27.28 4.34
N ILE B 150 13.00 28.53 4.52
CA ILE B 150 12.12 29.66 4.74
C ILE B 150 12.07 30.59 3.53
N SER B 151 12.60 30.16 2.40
CA SER B 151 12.61 31.00 1.21
C SER B 151 11.20 31.27 0.71
N THR B 152 10.99 32.48 0.18
CA THR B 152 9.73 32.87 -0.43
C THR B 152 9.93 33.26 -1.89
N GLU B 153 11.01 32.77 -2.50
CA GLU B 153 11.29 33.05 -3.90
C GLU B 153 10.27 32.35 -4.78
N ILE B 154 9.95 32.97 -5.92
CA ILE B 154 8.92 32.43 -6.81
C ILE B 154 9.52 31.25 -7.57
N TYR B 155 8.93 30.08 -7.34
CA TYR B 155 9.41 28.86 -7.99
C TYR B 155 9.22 28.93 -9.50
N GLN B 156 10.28 28.59 -10.23
CA GLN B 156 10.28 28.57 -11.68
C GLN B 156 10.32 27.13 -12.19
N ALA B 157 9.40 26.77 -13.06
CA ALA B 157 9.40 25.43 -13.67
C ALA B 157 9.83 25.45 -15.12
N GLY B 158 11.01 26.00 -15.39
CA GLY B 158 11.50 26.03 -16.75
C GLY B 158 12.26 27.32 -17.00
N SER B 159 11.71 28.18 -17.85
CA SER B 159 12.36 29.43 -18.17
C SER B 159 11.36 30.42 -18.75
N THR B 160 10.54 31.03 -17.90
CA THR B 160 9.52 31.96 -18.37
C THR B 160 9.61 33.23 -17.56
N PRO B 161 9.67 34.42 -18.18
CA PRO B 161 9.78 35.61 -17.34
C PRO B 161 8.42 35.96 -16.75
N CYS B 162 8.34 35.85 -15.46
CA CYS B 162 7.60 36.75 -14.63
C CYS B 162 8.61 37.45 -13.81
N ASN B 163 8.32 38.59 -13.46
CA ASN B 163 9.01 39.49 -12.57
C ASN B 163 8.37 39.49 -11.18
N GLY B 164 8.26 38.33 -10.53
CA GLY B 164 7.43 38.32 -9.29
C GLY B 164 5.95 38.32 -9.54
N VAL B 165 5.52 38.22 -10.81
CA VAL B 165 4.08 38.25 -11.12
C VAL B 165 3.60 36.82 -11.27
N LYS B 166 2.71 36.40 -10.39
CA LYS B 166 2.19 35.05 -10.46
C LYS B 166 1.59 34.73 -11.80
N GLY B 167 2.41 34.23 -12.70
CA GLY B 167 1.91 33.89 -14.00
C GLY B 167 2.36 32.47 -14.22
N PHE B 168 2.45 32.15 -15.47
CA PHE B 168 3.02 30.89 -15.88
C PHE B 168 4.36 30.56 -15.34
N ASN B 169 4.54 29.31 -14.93
CA ASN B 169 5.87 28.84 -14.57
C ASN B 169 6.49 29.90 -13.67
N CYS B 170 5.66 30.43 -12.79
CA CYS B 170 6.08 31.43 -11.81
C CYS B 170 5.04 31.55 -10.73
N TYR B 171 5.06 30.62 -9.77
CA TYR B 171 4.06 30.57 -8.72
C TYR B 171 4.70 30.63 -7.33
N PHE B 172 3.89 31.07 -6.36
CA PHE B 172 4.33 31.24 -4.98
C PHE B 172 4.49 29.89 -4.29
N PRO B 173 5.62 29.62 -3.63
CA PRO B 173 5.88 28.25 -3.16
C PRO B 173 5.11 27.84 -1.89
N LEU B 174 4.65 28.78 -1.08
CA LEU B 174 3.96 28.42 0.14
C LEU B 174 2.45 28.33 -0.07
N GLN B 175 1.80 27.56 0.79
CA GLN B 175 0.36 27.31 0.66
C GLN B 175 -0.27 27.29 2.03
N SER B 176 -1.47 27.86 2.13
CA SER B 176 -2.14 28.04 3.41
C SER B 176 -3.04 26.85 3.73
N TYR B 177 -3.15 26.54 5.02
CA TYR B 177 -4.06 25.48 5.45
C TYR B 177 -5.50 25.95 5.48
N GLY B 178 -5.73 27.15 5.99
CA GLY B 178 -7.09 27.64 6.14
C GLY B 178 -7.91 26.81 7.10
N PHE B 179 -7.34 26.56 8.27
CA PHE B 179 -8.01 25.73 9.27
C PHE B 179 -9.34 26.34 9.68
N GLN B 180 -10.43 25.60 9.42
CA GLN B 180 -11.74 25.97 9.92
C GLN B 180 -12.24 24.90 10.87
N PRO B 181 -13.07 25.26 11.86
CA PRO B 181 -13.45 24.30 12.90
C PRO B 181 -14.35 23.18 12.42
N THR B 182 -15.12 23.37 11.35
CA THR B 182 -16.00 22.33 10.85
C THR B 182 -15.28 21.32 9.96
N TYR B 183 -13.96 21.43 9.84
CA TYR B 183 -13.22 20.50 9.00
C TYR B 183 -13.20 19.11 9.60
N GLY B 184 -12.95 18.12 8.75
CA GLY B 184 -12.66 16.79 9.24
C GLY B 184 -11.33 16.76 9.96
N VAL B 185 -11.21 15.81 10.90
CA VAL B 185 -10.00 15.73 11.73
C VAL B 185 -8.75 15.55 10.89
N GLY B 186 -8.87 15.01 9.67
CA GLY B 186 -7.73 14.92 8.78
C GLY B 186 -7.23 16.26 8.29
N TYR B 187 -8.07 17.28 8.31
CA TYR B 187 -7.70 18.62 7.88
C TYR B 187 -7.62 19.62 9.03
N GLN B 188 -7.85 19.18 10.26
CA GLN B 188 -7.77 20.03 11.45
C GLN B 188 -6.31 20.26 11.84
N PRO B 189 -6.01 21.39 12.50
CA PRO B 189 -4.63 21.66 12.88
C PRO B 189 -4.18 20.77 14.02
N TYR B 190 -2.93 20.31 13.92
CA TYR B 190 -2.31 19.48 14.94
C TYR B 190 -0.97 20.10 15.31
N ARG B 191 -0.79 20.39 16.60
CA ARG B 191 0.48 20.92 17.09
C ARG B 191 1.43 19.78 17.38
N VAL B 192 2.64 19.86 16.83
CA VAL B 192 3.63 18.79 16.90
C VAL B 192 4.87 19.32 17.59
N VAL B 193 5.34 18.60 18.60
CA VAL B 193 6.61 18.90 19.27
C VAL B 193 7.52 17.70 19.07
N VAL B 194 8.68 17.93 18.47
CA VAL B 194 9.64 16.88 18.18
C VAL B 194 10.81 17.01 19.15
N LEU B 195 10.95 16.04 20.05
CA LEU B 195 12.03 16.03 21.01
C LEU B 195 13.18 15.20 20.45
N SER B 196 14.32 15.87 20.19
CA SER B 196 15.52 15.22 19.69
C SER B 196 16.54 15.14 20.81
N PHE B 197 17.04 13.94 21.08
CA PHE B 197 17.99 13.70 22.16
C PHE B 197 19.36 13.47 21.57
N GLU B 198 20.23 14.47 21.73
CA GLU B 198 21.58 14.47 21.15
C GLU B 198 22.57 14.10 22.23
N LEU B 199 22.91 12.80 22.31
CA LEU B 199 23.90 12.31 23.26
C LEU B 199 25.28 12.59 22.71
N LEU B 200 25.65 13.85 22.74
CA LEU B 200 26.93 14.30 22.20
C LEU B 200 28.06 13.86 23.13
N HIS B 201 29.30 13.92 22.64
CA HIS B 201 30.47 13.52 23.42
C HIS B 201 31.06 14.76 24.10
N ALA B 202 30.71 15.00 25.37
CA ALA B 202 30.87 16.36 25.86
C ALA B 202 30.51 16.38 27.33
N PRO B 203 30.14 17.49 27.89
CA PRO B 203 29.76 17.45 29.27
C PRO B 203 28.25 17.38 29.42
N ALA B 204 27.78 16.44 30.23
CA ALA B 204 26.36 16.16 30.34
C ALA B 204 25.63 17.37 30.92
N THR B 205 24.78 17.98 30.10
CA THR B 205 24.03 19.15 30.50
C THR B 205 22.59 18.85 30.87
N VAL B 206 21.95 17.90 30.20
CA VAL B 206 20.54 17.58 30.40
C VAL B 206 20.44 16.12 30.80
N CYS B 207 20.15 15.88 32.07
CA CYS B 207 19.86 14.55 32.59
C CYS B 207 18.40 14.48 33.03
N GLY B 208 17.89 13.26 33.10
CA GLY B 208 16.51 13.02 33.49
C GLY B 208 16.40 12.70 34.97
N LYS B 209 15.40 13.29 35.62
CA LYS B 209 15.15 13.07 37.03
C LYS B 209 13.76 13.55 37.43
N GLN C 1 -9.59 36.88 -5.15
CA GLN C 1 -10.77 37.27 -5.92
C GLN C 1 -10.88 36.44 -7.20
N SER C 2 -12.10 36.10 -7.58
CA SER C 2 -12.34 35.27 -8.75
C SER C 2 -13.78 35.43 -9.20
N VAL C 3 -14.09 34.86 -10.37
CA VAL C 3 -15.42 34.88 -10.95
C VAL C 3 -15.70 33.51 -11.56
N LEU C 4 -16.88 32.97 -11.31
CA LEU C 4 -17.31 31.69 -11.87
C LEU C 4 -18.16 31.96 -13.11
N THR C 5 -17.76 31.39 -14.24
CA THR C 5 -18.35 31.68 -15.54
C THR C 5 -19.14 30.48 -16.04
N GLN C 6 -20.41 30.70 -16.38
CA GLN C 6 -21.28 29.67 -16.92
C GLN C 6 -22.23 30.30 -17.92
N PRO C 7 -22.62 29.55 -18.96
CA PRO C 7 -23.49 30.14 -19.99
C PRO C 7 -24.88 30.39 -19.44
N PRO C 8 -25.60 31.38 -19.99
CA PRO C 8 -26.92 31.72 -19.44
C PRO C 8 -28.06 30.86 -19.95
N SER C 9 -27.86 30.07 -20.99
CA SER C 9 -28.95 29.33 -21.61
C SER C 9 -28.44 28.04 -22.22
N VAL C 10 -29.18 26.95 -22.01
CA VAL C 10 -28.91 25.66 -22.62
C VAL C 10 -30.25 25.03 -22.99
N SER C 11 -30.39 24.62 -24.25
CA SER C 11 -31.60 23.98 -24.75
C SER C 11 -31.32 22.54 -25.13
N VAL C 12 -32.26 21.66 -24.77
CA VAL C 12 -32.20 20.25 -25.11
C VAL C 12 -33.61 19.76 -25.40
N SER C 13 -33.71 18.80 -26.33
CA SER C 13 -34.97 18.14 -26.58
C SER C 13 -35.20 17.03 -25.56
N PRO C 14 -36.46 16.64 -25.34
CA PRO C 14 -36.74 15.62 -24.32
C PRO C 14 -35.97 14.33 -24.58
N GLY C 15 -35.46 13.74 -23.50
CA GLY C 15 -34.72 12.50 -23.56
C GLY C 15 -33.23 12.66 -23.74
N GLN C 16 -32.77 13.78 -24.30
CA GLN C 16 -31.36 13.98 -24.56
C GLN C 16 -30.61 14.30 -23.27
N THR C 17 -29.31 14.53 -23.40
CA THR C 17 -28.43 14.81 -22.28
C THR C 17 -27.98 16.26 -22.35
N ALA C 18 -28.25 17.02 -21.27
CA ALA C 18 -27.81 18.39 -21.16
C ALA C 18 -26.49 18.45 -20.40
N ARG C 19 -25.63 19.40 -20.79
CA ARG C 19 -24.31 19.55 -20.18
C ARG C 19 -24.06 21.02 -19.91
N ILE C 20 -23.87 21.36 -18.64
CA ILE C 20 -23.61 22.72 -18.20
C ILE C 20 -22.18 22.78 -17.66
N THR C 21 -21.41 23.75 -18.16
CA THR C 21 -20.04 23.93 -17.73
C THR C 21 -19.90 25.18 -16.86
N CYS C 22 -18.86 25.16 -16.03
CA CYS C 22 -18.59 26.25 -15.10
C CYS C 22 -17.09 26.28 -14.85
N SER C 23 -16.46 27.43 -15.12
CA SER C 23 -15.01 27.53 -15.13
C SER C 23 -14.54 28.76 -14.38
N GLY C 24 -13.27 28.74 -13.98
CA GLY C 24 -12.63 29.86 -13.32
C GLY C 24 -11.26 29.53 -12.79
N ASP C 25 -10.40 30.54 -12.66
CA ASP C 25 -9.12 30.33 -11.98
C ASP C 25 -9.32 29.79 -10.58
N ALA C 26 -10.45 30.14 -9.95
CA ALA C 26 -10.77 29.62 -8.63
C ALA C 26 -10.76 28.10 -8.61
N LEU C 27 -11.29 27.47 -9.67
CA LEU C 27 -11.46 26.03 -9.70
C LEU C 27 -10.15 25.25 -9.65
N SER C 28 -9.01 25.92 -9.61
CA SER C 28 -7.77 25.24 -9.28
C SER C 28 -7.89 24.65 -7.89
N THR C 29 -7.69 25.46 -6.86
CA THR C 29 -7.75 25.00 -5.47
C THR C 29 -9.14 24.74 -4.99
N GLN C 30 -10.10 24.57 -5.90
CA GLN C 30 -11.50 24.62 -5.53
C GLN C 30 -12.32 23.51 -6.15
N ASN C 31 -13.29 23.04 -5.36
CA ASN C 31 -14.29 22.11 -5.85
C ASN C 31 -15.45 22.90 -6.45
N GLY C 32 -16.53 22.20 -6.79
CA GLY C 32 -17.71 22.84 -7.34
C GLY C 32 -18.96 22.16 -6.81
N ASN C 33 -20.05 22.92 -6.81
CA ASN C 33 -21.31 22.44 -6.28
C ASN C 33 -22.45 22.95 -7.14
N TRP C 34 -23.45 22.10 -7.37
CA TRP C 34 -24.52 22.39 -8.30
C TRP C 34 -25.84 22.46 -7.56
N TYR C 35 -26.61 23.51 -7.84
CA TYR C 35 -27.92 23.73 -7.25
C TYR C 35 -28.93 23.91 -8.37
N GLN C 36 -30.13 23.37 -8.18
CA GLN C 36 -31.25 23.60 -9.08
C GLN C 36 -32.26 24.48 -8.37
N GLN C 37 -32.73 25.51 -9.06
CA GLN C 37 -33.68 26.46 -8.49
C GLN C 37 -34.85 26.60 -9.44
N LYS C 38 -36.02 26.20 -8.98
CA LYS C 38 -37.24 26.35 -9.75
C LYS C 38 -37.84 27.73 -9.49
N PRO C 39 -38.63 28.24 -10.43
CA PRO C 39 -39.23 29.57 -10.26
C PRO C 39 -39.98 29.70 -8.95
N GLY C 40 -39.63 30.74 -8.18
CA GLY C 40 -40.26 30.99 -6.90
C GLY C 40 -40.01 29.90 -5.88
N GLN C 41 -38.79 29.37 -5.83
CA GLN C 41 -38.46 28.27 -4.94
C GLN C 41 -37.02 28.42 -4.50
N ALA C 42 -36.71 27.87 -3.34
CA ALA C 42 -35.34 27.88 -2.86
C ALA C 42 -34.49 26.93 -3.69
N PRO C 43 -33.21 27.25 -3.87
CA PRO C 43 -32.31 26.32 -4.56
C PRO C 43 -32.21 24.99 -3.83
N VAL C 44 -31.94 23.94 -4.59
CA VAL C 44 -31.80 22.58 -4.07
C VAL C 44 -30.45 22.04 -4.47
N MET C 45 -29.72 21.47 -3.51
CA MET C 45 -28.40 20.93 -3.80
C MET C 45 -28.53 19.62 -4.58
N VAL C 46 -27.70 19.47 -5.61
CA VAL C 46 -27.81 18.32 -6.51
C VAL C 46 -26.50 17.53 -6.57
N ILE C 47 -25.36 18.21 -6.38
CA ILE C 47 -24.06 17.57 -6.56
C ILE C 47 -23.13 17.99 -5.43
N CYS C 48 -22.57 17.01 -4.72
CA CYS C 48 -21.57 17.24 -3.69
C CYS C 48 -20.18 16.93 -4.22
N LYS C 49 -19.19 17.67 -3.72
CA LYS C 49 -17.77 17.45 -4.00
C LYS C 49 -17.53 17.19 -5.49
N ASP C 50 -18.00 18.13 -6.32
CA ASP C 50 -17.83 18.12 -7.77
C ASP C 50 -18.67 17.07 -8.48
N SER C 51 -18.81 15.87 -7.92
CA SER C 51 -19.32 14.77 -8.73
C SER C 51 -20.14 13.73 -7.96
N GLU C 52 -20.77 14.07 -6.85
CA GLU C 52 -21.44 13.08 -6.02
C GLU C 52 -22.94 13.36 -5.91
N ARG C 53 -23.70 12.30 -5.65
CA ARG C 53 -25.14 12.36 -5.57
C ARG C 53 -25.62 12.28 -4.13
N PRO C 54 -26.35 13.26 -3.62
CA PRO C 54 -27.07 13.07 -2.35
C PRO C 54 -28.23 12.09 -2.48
N SER C 55 -28.99 11.91 -1.39
CA SER C 55 -29.97 10.83 -1.34
C SER C 55 -31.17 11.09 -2.24
N GLY C 56 -31.73 12.30 -2.19
CA GLY C 56 -32.92 12.61 -2.95
C GLY C 56 -32.67 12.85 -4.40
N ILE C 57 -31.41 12.80 -4.83
CA ILE C 57 -31.04 13.03 -6.22
C ILE C 57 -31.10 11.71 -6.99
N PRO C 58 -31.95 11.61 -8.05
CA PRO C 58 -31.99 10.41 -8.92
C PRO C 58 -30.73 10.27 -9.75
N GLU C 59 -30.43 9.04 -10.14
CA GLU C 59 -29.18 8.71 -10.82
C GLU C 59 -29.01 9.39 -12.17
N ARG C 60 -30.06 10.02 -12.73
CA ARG C 60 -29.95 10.63 -14.05
C ARG C 60 -29.01 11.83 -14.04
N PHE C 61 -28.60 12.34 -12.88
CA PHE C 61 -27.69 13.46 -12.78
C PHE C 61 -26.28 12.96 -12.52
N SER C 62 -25.31 13.57 -13.19
CA SER C 62 -23.91 13.21 -13.01
C SER C 62 -23.06 14.46 -13.18
N GLY C 63 -21.94 14.50 -12.46
CA GLY C 63 -21.01 15.60 -12.52
C GLY C 63 -19.63 15.14 -12.92
N SER C 64 -18.91 16.00 -13.65
CA SER C 64 -17.56 15.69 -14.09
C SER C 64 -16.70 16.93 -13.92
N ARG C 65 -15.38 16.71 -13.85
CA ARG C 65 -14.41 17.76 -13.63
C ARG C 65 -13.32 17.66 -14.68
N SER C 66 -12.87 18.82 -15.19
CA SER C 66 -11.85 18.84 -16.24
C SER C 66 -11.04 20.14 -16.08
N GLY C 67 -9.93 20.03 -15.35
CA GLY C 67 -9.03 21.15 -15.16
C GLY C 67 -9.64 22.29 -14.36
N THR C 68 -9.80 23.45 -15.01
CA THR C 68 -10.46 24.59 -14.41
C THR C 68 -11.94 24.66 -14.76
N THR C 69 -12.53 23.54 -15.19
CA THR C 69 -13.92 23.52 -15.63
C THR C 69 -14.60 22.26 -15.08
N VAL C 70 -15.72 22.46 -14.37
CA VAL C 70 -16.57 21.36 -13.94
C VAL C 70 -17.79 21.32 -14.85
N THR C 71 -18.39 20.13 -14.97
CA THR C 71 -19.52 19.92 -15.86
C THR C 71 -20.62 19.18 -15.13
N LEU C 72 -21.82 19.76 -15.11
CA LEU C 72 -23.01 19.08 -14.61
C LEU C 72 -23.72 18.42 -15.77
N THR C 73 -23.86 17.09 -15.71
CA THR C 73 -24.43 16.31 -16.79
C THR C 73 -25.74 15.69 -16.32
N ILE C 74 -26.84 16.09 -16.95
CA ILE C 74 -28.15 15.51 -16.70
C ILE C 74 -28.51 14.62 -17.87
N SER C 75 -28.68 13.32 -17.61
CA SER C 75 -29.04 12.37 -18.64
C SER C 75 -30.54 12.09 -18.59
N GLY C 76 -31.13 11.86 -19.76
CA GLY C 76 -32.55 11.68 -19.86
C GLY C 76 -33.31 12.88 -19.34
N VAL C 77 -32.95 14.07 -19.83
CA VAL C 77 -33.58 15.30 -19.39
C VAL C 77 -35.06 15.23 -19.67
N GLN C 78 -35.88 15.34 -18.62
CA GLN C 78 -37.32 15.34 -18.72
C GLN C 78 -37.87 16.72 -18.34
N ALA C 79 -39.19 16.86 -18.49
CA ALA C 79 -39.83 18.14 -18.19
C ALA C 79 -39.73 18.50 -16.72
N GLU C 80 -39.51 17.53 -15.84
CA GLU C 80 -39.39 17.78 -14.41
C GLU C 80 -38.15 18.58 -14.04
N ASP C 81 -37.31 18.94 -15.01
CA ASP C 81 -36.00 19.51 -14.75
C ASP C 81 -35.89 21.00 -15.03
N GLU C 82 -36.57 21.51 -16.07
CA GLU C 82 -36.49 22.91 -16.50
C GLU C 82 -36.42 23.88 -15.33
N ALA C 83 -35.29 24.54 -15.17
CA ALA C 83 -35.07 25.45 -14.03
C ALA C 83 -33.77 26.23 -14.28
N ASP C 84 -33.33 26.96 -13.27
CA ASP C 84 -32.04 27.63 -13.27
C ASP C 84 -31.08 26.82 -12.41
N TYR C 85 -29.86 26.60 -12.92
CA TYR C 85 -28.87 25.76 -12.26
C TYR C 85 -27.61 26.58 -11.98
N HIS C 86 -27.04 26.39 -10.79
CA HIS C 86 -26.01 27.28 -10.28
C HIS C 86 -24.80 26.49 -9.78
N CYS C 87 -23.61 26.98 -10.12
CA CYS C 87 -22.37 26.44 -9.57
C CYS C 87 -21.81 27.38 -8.51
N GLN C 88 -20.95 26.84 -7.66
CA GLN C 88 -20.54 27.51 -6.42
C GLN C 88 -19.24 26.90 -5.91
N SER C 89 -18.44 27.71 -5.20
CA SER C 89 -17.09 27.38 -4.71
C SER C 89 -16.62 28.47 -3.74
N ALA C 90 -15.39 28.34 -3.21
CA ALA C 90 -14.94 29.17 -2.07
C ALA C 90 -13.44 29.13 -1.80
N ASP C 91 -12.73 30.14 -2.32
CA ASP C 91 -11.28 30.17 -2.50
C ASP C 91 -10.49 30.07 -1.19
N ASN C 92 -9.18 30.31 -1.32
CA ASN C 92 -8.28 30.29 -0.19
C ASN C 92 -8.64 31.37 0.81
N ARG C 93 -8.93 32.58 0.35
CA ARG C 93 -9.24 33.65 1.29
C ARG C 93 -10.63 33.50 1.91
N ALA C 94 -11.30 32.36 1.69
CA ALA C 94 -12.66 32.07 2.17
C ALA C 94 -13.71 32.92 1.47
N HIS C 95 -13.55 33.12 0.17
CA HIS C 95 -14.52 33.89 -0.59
C HIS C 95 -15.46 32.90 -1.28
N VAL C 96 -16.69 32.84 -0.79
CA VAL C 96 -17.70 31.89 -1.26
C VAL C 96 -18.53 32.58 -2.32
N VAL C 97 -18.49 32.06 -3.55
CA VAL C 97 -18.98 32.79 -4.71
C VAL C 97 -19.90 31.90 -5.53
N PHE C 98 -20.86 32.53 -6.21
CA PHE C 98 -21.76 31.88 -7.15
C PHE C 98 -21.45 32.30 -8.58
N GLY C 99 -21.89 31.47 -9.52
CA GLY C 99 -21.90 31.83 -10.92
C GLY C 99 -23.13 32.65 -11.25
N GLY C 100 -23.30 32.92 -12.56
CA GLY C 100 -24.38 33.77 -13.01
C GLY C 100 -25.71 33.05 -13.15
N GLY C 101 -25.68 31.78 -13.47
CA GLY C 101 -26.91 31.01 -13.59
C GLY C 101 -27.19 30.58 -15.02
N THR C 102 -27.63 29.33 -15.19
CA THR C 102 -27.96 28.77 -16.49
C THR C 102 -29.42 28.32 -16.48
N LYS C 103 -30.19 28.80 -17.44
CA LYS C 103 -31.59 28.42 -17.58
C LYS C 103 -31.71 27.26 -18.57
N LEU C 104 -32.16 26.12 -18.08
CA LEU C 104 -32.42 24.96 -18.94
C LEU C 104 -33.82 25.06 -19.53
N THR C 105 -33.93 24.80 -20.82
CA THR C 105 -35.22 24.77 -21.50
C THR C 105 -35.35 23.48 -22.29
N VAL C 106 -36.44 22.76 -22.08
CA VAL C 106 -36.74 21.56 -22.83
C VAL C 106 -37.46 22.00 -24.10
N LEU C 107 -36.70 22.09 -25.20
CA LEU C 107 -37.24 22.52 -26.49
C LEU C 107 -38.47 21.70 -26.87
N GLY C 108 -39.65 22.23 -26.57
CA GLY C 108 -40.88 21.63 -27.04
C GLY C 108 -41.28 22.23 -28.37
N GLN C 109 -41.43 23.55 -28.38
CA GLN C 109 -41.59 24.38 -29.57
C GLN C 109 -40.22 24.68 -30.17
N PRO C 110 -40.10 24.82 -31.49
CA PRO C 110 -38.78 25.03 -32.09
C PRO C 110 -38.12 26.31 -31.59
N LYS C 111 -36.78 26.31 -31.67
CA LYS C 111 -35.98 27.47 -31.31
C LYS C 111 -36.46 28.70 -32.08
N ALA C 112 -36.68 29.79 -31.34
CA ALA C 112 -37.18 31.03 -31.91
C ALA C 112 -36.20 32.15 -31.59
N ASN C 113 -35.72 32.83 -32.63
CA ASN C 113 -34.81 33.95 -32.44
C ASN C 113 -35.60 35.19 -32.00
N PRO C 114 -34.98 36.05 -31.20
CA PRO C 114 -35.69 37.23 -30.70
C PRO C 114 -35.82 38.32 -31.75
N THR C 115 -36.94 39.02 -31.67
CA THR C 115 -37.16 40.24 -32.45
C THR C 115 -36.86 41.43 -31.55
N VAL C 116 -35.96 42.31 -32.01
CA VAL C 116 -35.43 43.38 -31.18
C VAL C 116 -35.85 44.72 -31.79
N THR C 117 -36.46 45.57 -30.97
CA THR C 117 -36.84 46.92 -31.35
C THR C 117 -36.18 47.91 -30.39
N LEU C 118 -35.56 48.94 -30.94
CA LEU C 118 -34.80 49.93 -30.16
C LEU C 118 -35.35 51.31 -30.44
N PHE C 119 -35.74 52.03 -29.37
CA PHE C 119 -36.31 53.36 -29.48
C PHE C 119 -35.35 54.41 -28.95
N PRO C 120 -35.29 55.59 -29.58
CA PRO C 120 -34.50 56.68 -29.04
C PRO C 120 -35.31 57.50 -28.06
N PRO C 121 -34.68 58.40 -27.30
CA PRO C 121 -35.45 59.28 -26.42
C PRO C 121 -36.39 60.16 -27.24
N SER C 122 -37.65 60.21 -26.80
CA SER C 122 -38.60 61.10 -27.46
C SER C 122 -38.17 62.55 -27.31
N SER C 123 -38.62 63.39 -28.24
CA SER C 123 -38.35 64.81 -28.14
C SER C 123 -38.97 65.40 -26.88
N GLU C 124 -40.04 64.79 -26.37
CA GLU C 124 -40.70 65.30 -25.18
C GLU C 124 -39.90 64.98 -23.91
N GLU C 125 -39.34 63.77 -23.83
CA GLU C 125 -38.54 63.42 -22.66
C GLU C 125 -37.30 64.29 -22.57
N LEU C 126 -36.67 64.58 -23.72
CA LEU C 126 -35.50 65.45 -23.72
C LEU C 126 -35.83 66.83 -23.18
N GLN C 127 -37.01 67.34 -23.51
CA GLN C 127 -37.43 68.66 -23.03
C GLN C 127 -37.75 68.67 -21.54
N ALA C 128 -37.90 67.50 -20.92
CA ALA C 128 -37.98 67.39 -19.47
C ALA C 128 -36.62 67.12 -18.84
N ASN C 129 -35.55 67.23 -19.62
CA ASN C 129 -34.16 67.08 -19.16
C ASN C 129 -33.87 65.65 -18.70
N LYS C 130 -34.37 64.67 -19.46
CA LYS C 130 -34.07 63.27 -19.23
C LYS C 130 -33.90 62.58 -20.59
N ALA C 131 -33.40 61.34 -20.56
CA ALA C 131 -33.21 60.58 -21.78
C ALA C 131 -33.22 59.09 -21.44
N THR C 132 -34.08 58.33 -22.11
CA THR C 132 -34.22 56.91 -21.86
C THR C 132 -34.24 56.17 -23.20
N LEU C 133 -33.34 55.22 -23.36
CA LEU C 133 -33.34 54.33 -24.52
C LEU C 133 -34.15 53.09 -24.19
N VAL C 134 -35.02 52.68 -25.12
CA VAL C 134 -35.96 51.58 -24.90
C VAL C 134 -35.63 50.47 -25.89
N CYS C 135 -35.15 49.34 -25.39
CA CYS C 135 -34.83 48.18 -26.18
C CYS C 135 -35.76 47.05 -25.77
N LEU C 136 -36.58 46.58 -26.71
CA LEU C 136 -37.64 45.61 -26.42
C LEU C 136 -37.36 44.31 -27.18
N ILE C 137 -37.44 43.20 -26.47
CA ILE C 137 -37.07 41.88 -26.99
C ILE C 137 -38.24 40.93 -26.77
N SER C 138 -38.62 40.20 -27.83
CA SER C 138 -39.81 39.36 -27.75
C SER C 138 -39.68 38.19 -28.72
N ASP C 139 -40.60 37.23 -28.56
CA ASP C 139 -40.78 36.11 -29.47
C ASP C 139 -39.55 35.21 -29.56
N PHE C 140 -38.83 35.05 -28.46
CA PHE C 140 -37.70 34.13 -28.43
C PHE C 140 -38.04 32.91 -27.56
N TYR C 141 -37.54 31.77 -28.01
CA TYR C 141 -37.67 30.50 -27.30
C TYR C 141 -36.38 29.72 -27.52
N PRO C 142 -35.67 29.30 -26.45
CA PRO C 142 -35.96 29.41 -25.01
C PRO C 142 -36.03 30.83 -24.46
N GLY C 143 -36.47 30.95 -23.21
CA GLY C 143 -36.59 32.24 -22.57
C GLY C 143 -35.38 32.65 -21.76
N ALA C 144 -34.25 32.81 -22.44
CA ALA C 144 -33.03 33.28 -21.79
C ALA C 144 -32.26 34.14 -22.78
N VAL C 145 -32.05 35.41 -22.42
CA VAL C 145 -31.35 36.37 -23.26
C VAL C 145 -30.36 37.14 -22.40
N THR C 146 -29.34 37.68 -23.06
CA THR C 146 -28.41 38.61 -22.44
C THR C 146 -28.30 39.84 -23.32
N VAL C 147 -28.23 41.01 -22.68
CA VAL C 147 -28.33 42.30 -23.36
C VAL C 147 -27.08 43.11 -23.08
N ALA C 148 -26.44 43.59 -24.14
CA ALA C 148 -25.25 44.44 -24.03
C ALA C 148 -25.55 45.80 -24.64
N TRP C 149 -25.12 46.85 -23.95
CA TRP C 149 -25.32 48.22 -24.41
C TRP C 149 -24.00 48.81 -24.89
N LYS C 150 -24.10 49.66 -25.92
CA LYS C 150 -22.92 50.25 -26.55
C LYS C 150 -23.14 51.73 -26.78
N ALA C 151 -22.13 52.53 -26.46
CA ALA C 151 -22.05 53.93 -26.89
C ALA C 151 -21.11 53.99 -28.07
N ASP C 152 -21.65 54.36 -29.24
CA ASP C 152 -20.94 54.23 -30.50
C ASP C 152 -20.54 52.77 -30.69
N SER C 153 -19.36 52.40 -30.18
CA SER C 153 -18.91 51.02 -30.21
C SER C 153 -18.25 50.61 -28.89
N SER C 154 -18.49 51.37 -27.81
CA SER C 154 -17.90 51.14 -26.51
C SER C 154 -18.94 50.65 -25.52
N PRO C 155 -18.60 49.68 -24.66
CA PRO C 155 -19.60 49.10 -23.76
C PRO C 155 -20.09 50.12 -22.73
N VAL C 156 -21.40 50.05 -22.44
CA VAL C 156 -22.03 50.87 -21.42
C VAL C 156 -22.59 49.95 -20.35
N LYS C 157 -22.36 50.29 -19.09
CA LYS C 157 -22.79 49.44 -18.00
C LYS C 157 -23.65 50.17 -16.98
N ALA C 158 -23.35 51.46 -16.75
CA ALA C 158 -24.09 52.23 -15.78
C ALA C 158 -25.47 52.61 -16.32
N GLY C 159 -26.44 52.66 -15.43
CA GLY C 159 -27.79 53.06 -15.81
C GLY C 159 -28.53 52.07 -16.67
N VAL C 160 -28.24 50.78 -16.53
CA VAL C 160 -28.91 49.73 -17.29
C VAL C 160 -29.87 48.98 -16.38
N GLU C 161 -31.13 48.91 -16.79
CA GLU C 161 -32.16 48.17 -16.06
C GLU C 161 -32.83 47.22 -17.05
N THR C 162 -32.80 45.93 -16.74
CA THR C 162 -33.29 44.90 -17.65
C THR C 162 -34.24 43.97 -16.93
N THR C 163 -35.35 43.63 -17.59
CA THR C 163 -36.30 42.67 -17.03
C THR C 163 -35.77 41.24 -17.16
N THR C 164 -36.38 40.35 -16.41
CA THR C 164 -36.22 38.92 -16.58
C THR C 164 -37.08 38.45 -17.75
N PRO C 165 -36.66 37.40 -18.46
CA PRO C 165 -37.50 36.86 -19.52
C PRO C 165 -38.82 36.35 -18.96
N SER C 166 -39.92 36.72 -19.62
CA SER C 166 -41.26 36.38 -19.16
C SER C 166 -42.05 35.73 -20.28
N LYS C 167 -42.78 34.66 -19.93
CA LYS C 167 -43.57 33.92 -20.90
C LYS C 167 -44.74 34.76 -21.37
N GLN C 168 -44.88 34.88 -22.66
CA GLN C 168 -45.95 35.69 -23.19
C GLN C 168 -47.04 34.75 -23.76
N SER C 169 -47.91 35.24 -24.66
CA SER C 169 -49.11 34.49 -25.03
C SER C 169 -48.78 33.19 -25.75
N ASN C 170 -47.94 33.25 -26.79
CA ASN C 170 -47.68 32.09 -27.66
C ASN C 170 -46.59 31.16 -27.12
N ASN C 171 -46.38 31.13 -25.81
CA ASN C 171 -45.38 30.32 -25.11
C ASN C 171 -43.94 30.69 -25.47
N LYS C 172 -43.73 31.72 -26.28
CA LYS C 172 -42.41 32.32 -26.41
C LYS C 172 -42.20 33.25 -25.21
N TYR C 173 -41.11 34.00 -25.20
CA TYR C 173 -40.78 34.85 -24.07
C TYR C 173 -40.54 36.28 -24.53
N ALA C 174 -40.56 37.19 -23.57
CA ALA C 174 -40.39 38.61 -23.83
C ALA C 174 -39.58 39.25 -22.72
N ALA C 175 -38.93 40.36 -23.06
CA ALA C 175 -38.08 41.08 -22.11
C ALA C 175 -37.84 42.49 -22.63
N SER C 176 -37.31 43.33 -21.75
CA SER C 176 -37.03 44.73 -22.09
C SER C 176 -35.84 45.22 -21.29
N SER C 177 -35.11 46.17 -21.87
CA SER C 177 -33.92 46.74 -21.24
C SER C 177 -33.92 48.25 -21.47
N TYR C 178 -33.62 49.00 -20.42
CA TYR C 178 -33.67 50.46 -20.45
C TYR C 178 -32.30 51.04 -20.11
N LEU C 179 -31.92 52.08 -20.84
CA LEU C 179 -30.70 52.84 -20.56
C LEU C 179 -31.08 54.28 -20.27
N SER C 180 -30.75 54.74 -19.06
CA SER C 180 -31.03 56.12 -18.66
C SER C 180 -29.80 56.97 -18.94
N LEU C 181 -29.99 58.05 -19.69
CA LEU C 181 -28.91 58.96 -20.05
C LEU C 181 -29.32 60.39 -19.73
N THR C 182 -28.34 61.23 -19.53
CA THR C 182 -28.62 62.65 -19.62
C THR C 182 -28.70 63.04 -21.10
N PRO C 183 -29.52 64.05 -21.43
CA PRO C 183 -29.58 64.49 -22.82
C PRO C 183 -28.22 64.88 -23.40
N GLU C 184 -27.28 65.28 -22.54
CA GLU C 184 -25.92 65.58 -23.00
C GLU C 184 -25.23 64.31 -23.49
N GLN C 185 -25.31 63.23 -22.71
CA GLN C 185 -24.72 61.96 -23.13
C GLN C 185 -25.37 61.44 -24.40
N TRP C 186 -26.69 61.59 -24.51
CA TRP C 186 -27.39 61.12 -25.71
C TRP C 186 -26.94 61.89 -26.95
N LYS C 187 -26.79 63.21 -26.83
CA LYS C 187 -26.37 64.04 -27.95
C LYS C 187 -24.86 64.06 -28.15
N SER C 188 -24.09 63.45 -27.26
CA SER C 188 -22.63 63.48 -27.39
C SER C 188 -22.14 62.41 -28.35
N HIS C 189 -22.61 61.17 -28.18
CA HIS C 189 -22.18 60.07 -29.03
C HIS C 189 -23.00 60.05 -30.32
N ARG C 190 -22.40 59.48 -31.37
CA ARG C 190 -23.05 59.45 -32.66
C ARG C 190 -24.17 58.41 -32.71
N SER C 191 -24.08 57.37 -31.87
CA SER C 191 -25.08 56.31 -31.89
C SER C 191 -24.92 55.47 -30.63
N TYR C 192 -26.03 54.84 -30.22
CA TYR C 192 -26.04 53.83 -29.19
C TYR C 192 -26.60 52.54 -29.77
N SER C 193 -26.12 51.40 -29.26
CA SER C 193 -26.53 50.11 -29.77
C SER C 193 -27.03 49.24 -28.63
N CYS C 194 -28.02 48.41 -28.94
CA CYS C 194 -28.56 47.40 -28.03
C CYS C 194 -28.26 46.03 -28.62
N GLN C 195 -27.44 45.25 -27.93
CA GLN C 195 -26.96 43.96 -28.44
C GLN C 195 -27.61 42.84 -27.63
N VAL C 196 -28.45 42.06 -28.28
CA VAL C 196 -29.15 40.93 -27.67
C VAL C 196 -28.53 39.65 -28.19
N THR C 197 -28.15 38.76 -27.27
CA THR C 197 -27.58 37.47 -27.61
C THR C 197 -28.50 36.35 -27.13
N HIS C 198 -28.88 35.45 -28.03
CA HIS C 198 -29.79 34.35 -27.74
C HIS C 198 -29.22 33.06 -28.32
N GLU C 199 -28.67 32.22 -27.45
CA GLU C 199 -28.09 30.93 -27.83
C GLU C 199 -27.05 31.09 -28.92
N GLY C 200 -25.99 31.83 -28.59
CA GLY C 200 -24.91 32.04 -29.52
C GLY C 200 -25.20 33.10 -30.58
N SER C 201 -26.46 33.24 -30.97
CA SER C 201 -26.86 34.26 -31.93
C SER C 201 -26.88 35.63 -31.25
N THR C 202 -26.71 36.68 -32.06
CA THR C 202 -26.68 38.05 -31.55
C THR C 202 -27.39 38.98 -32.52
N VAL C 203 -28.39 39.70 -32.01
CA VAL C 203 -29.15 40.68 -32.78
C VAL C 203 -28.83 42.06 -32.23
N GLU C 204 -28.56 43.01 -33.12
CA GLU C 204 -28.16 44.35 -32.73
C GLU C 204 -28.99 45.40 -33.45
N LYS C 205 -29.50 46.37 -32.71
CA LYS C 205 -30.17 47.54 -33.26
C LYS C 205 -29.43 48.80 -32.80
N THR C 206 -29.54 49.86 -33.60
CA THR C 206 -28.77 51.07 -33.35
C THR C 206 -29.62 52.30 -33.67
N VAL C 207 -29.50 53.33 -32.83
CA VAL C 207 -30.24 54.58 -33.00
C VAL C 207 -29.27 55.75 -32.84
N ALA C 208 -29.59 56.86 -33.49
CA ALA C 208 -28.75 58.05 -33.50
C ALA C 208 -29.58 59.29 -33.21
N PRO C 209 -28.97 60.31 -32.61
CA PRO C 209 -29.72 61.55 -32.30
C PRO C 209 -30.00 62.41 -33.52
N THR C 210 -31.22 62.32 -34.04
CA THR C 210 -31.65 63.16 -35.16
C THR C 210 -33.09 63.65 -34.94
N GLN D 1 21.96 -23.92 11.03
CA GLN D 1 22.38 -25.29 11.31
C GLN D 1 21.34 -26.00 12.17
N SER D 2 21.14 -27.30 11.91
CA SER D 2 20.14 -28.07 12.63
C SER D 2 20.44 -29.56 12.45
N VAL D 3 19.70 -30.38 13.20
CA VAL D 3 19.82 -31.83 13.16
C VAL D 3 18.43 -32.43 13.23
N LEU D 4 18.16 -33.41 12.38
CA LEU D 4 16.88 -34.12 12.37
C LEU D 4 17.03 -35.42 13.16
N THR D 5 16.18 -35.59 14.18
CA THR D 5 16.30 -36.69 15.13
C THR D 5 15.17 -37.69 14.94
N GLN D 6 15.53 -38.96 14.76
CA GLN D 6 14.57 -40.04 14.60
C GLN D 6 15.13 -41.30 15.25
N PRO D 7 14.26 -42.16 15.80
CA PRO D 7 14.77 -43.35 16.49
C PRO D 7 15.35 -44.34 15.50
N PRO D 8 16.32 -45.16 15.93
CA PRO D 8 16.98 -46.07 14.98
C PRO D 8 16.23 -47.37 14.73
N SER D 9 15.21 -47.69 15.52
CA SER D 9 14.57 -49.00 15.42
C SER D 9 13.11 -48.89 15.84
N VAL D 10 12.23 -49.53 15.07
CA VAL D 10 10.81 -49.64 15.39
C VAL D 10 10.36 -51.04 15.00
N SER D 11 9.73 -51.74 15.94
CA SER D 11 9.21 -53.08 15.70
C SER D 11 7.69 -53.10 15.77
N VAL D 12 7.08 -53.83 14.85
CA VAL D 12 5.63 -54.01 14.82
C VAL D 12 5.33 -55.43 14.36
N SER D 13 4.24 -55.98 14.88
CA SER D 13 3.75 -57.27 14.42
C SER D 13 2.94 -57.09 13.15
N PRO D 14 2.81 -58.14 12.33
CA PRO D 14 2.07 -58.00 11.07
C PRO D 14 0.65 -57.51 11.28
N GLY D 15 0.22 -56.60 10.40
CA GLY D 15 -1.11 -56.04 10.44
C GLY D 15 -1.25 -54.79 11.27
N GLN D 16 -0.36 -54.56 12.23
CA GLN D 16 -0.45 -53.40 13.10
C GLN D 16 0.00 -52.14 12.37
N THR D 17 -0.02 -51.02 13.08
CA THR D 17 0.33 -49.72 12.53
C THR D 17 1.64 -49.25 13.15
N ALA D 18 2.63 -48.97 12.29
CA ALA D 18 3.91 -48.44 12.74
C ALA D 18 3.90 -46.91 12.63
N ARG D 19 4.59 -46.27 13.57
CA ARG D 19 4.64 -44.81 13.63
C ARG D 19 6.07 -44.37 13.87
N ILE D 20 6.62 -43.62 12.92
CA ILE D 20 7.99 -43.11 12.99
C ILE D 20 7.91 -41.60 13.13
N THR D 21 8.63 -41.07 14.12
CA THR D 21 8.66 -39.63 14.38
C THR D 21 10.01 -39.05 13.99
N CYS D 22 10.00 -37.76 13.69
CA CYS D 22 11.18 -37.03 13.26
C CYS D 22 11.02 -35.58 13.69
N SER D 23 11.96 -35.07 14.47
CA SER D 23 11.81 -33.77 15.11
C SER D 23 13.08 -32.94 14.96
N GLY D 24 12.92 -31.63 15.15
CA GLY D 24 14.04 -30.70 15.12
C GLY D 24 13.59 -29.26 15.14
N ASP D 25 14.46 -28.36 15.63
CA ASP D 25 14.19 -26.93 15.52
C ASP D 25 13.99 -26.53 14.07
N ALA D 26 14.63 -27.23 13.14
CA ALA D 26 14.45 -26.97 11.73
C ALA D 26 12.98 -27.05 11.33
N LEU D 27 12.25 -28.02 11.88
CA LEU D 27 10.88 -28.28 11.46
C LEU D 27 9.92 -27.13 11.77
N SER D 28 10.39 -26.05 12.39
CA SER D 28 9.59 -24.83 12.44
C SER D 28 9.32 -24.37 11.02
N THR D 29 10.28 -23.68 10.42
CA THR D 29 10.12 -23.13 9.08
C THR D 29 10.21 -24.18 7.99
N GLN D 30 10.02 -25.45 8.35
CA GLN D 30 10.36 -26.54 7.45
C GLN D 30 9.30 -27.63 7.37
N ASN D 31 9.18 -28.17 6.16
CA ASN D 31 8.35 -29.33 5.92
C ASN D 31 9.18 -30.59 6.17
N GLY D 32 8.61 -31.75 5.85
CA GLY D 32 9.31 -33.00 6.00
C GLY D 32 8.97 -33.93 4.85
N ASN D 33 9.89 -34.86 4.58
CA ASN D 33 9.74 -35.77 3.47
C ASN D 33 10.25 -37.14 3.87
N TRP D 34 9.54 -38.19 3.44
CA TRP D 34 9.81 -39.55 3.88
C TRP D 34 10.25 -40.39 2.70
N TYR D 35 11.34 -41.14 2.90
CA TYR D 35 11.88 -42.04 1.90
C TYR D 35 12.01 -43.43 2.49
N GLN D 36 11.71 -44.45 1.68
CA GLN D 36 11.94 -45.83 2.07
C GLN D 36 13.11 -46.37 1.25
N GLN D 37 14.05 -47.03 1.92
CA GLN D 37 15.23 -47.57 1.27
C GLN D 37 15.36 -49.04 1.64
N LYS D 38 15.26 -49.90 0.66
CA LYS D 38 15.46 -51.32 0.86
C LYS D 38 16.93 -51.66 0.74
N PRO D 39 17.37 -52.76 1.36
CA PRO D 39 18.80 -53.13 1.29
C PRO D 39 19.32 -53.20 -0.13
N GLY D 40 20.41 -52.48 -0.38
CA GLY D 40 21.02 -52.43 -1.70
C GLY D 40 20.13 -51.85 -2.77
N GLN D 41 19.42 -50.77 -2.44
CA GLN D 41 18.48 -50.15 -3.36
C GLN D 41 18.48 -48.66 -3.11
N ALA D 42 18.13 -47.90 -4.14
CA ALA D 42 18.02 -46.46 -3.98
C ALA D 42 16.79 -46.13 -3.14
N PRO D 43 16.84 -45.04 -2.37
CA PRO D 43 15.66 -44.61 -1.63
C PRO D 43 14.50 -44.28 -2.57
N VAL D 44 13.29 -44.43 -2.05
CA VAL D 44 12.06 -44.16 -2.80
C VAL D 44 11.24 -43.17 -2.01
N MET D 45 10.76 -42.13 -2.69
CA MET D 45 9.96 -41.10 -2.03
C MET D 45 8.56 -41.65 -1.74
N VAL D 46 8.06 -41.38 -0.54
CA VAL D 46 6.79 -41.94 -0.09
C VAL D 46 5.80 -40.85 0.31
N ILE D 47 6.31 -39.70 0.80
CA ILE D 47 5.44 -38.66 1.33
C ILE D 47 5.92 -37.29 0.85
N CYS D 48 5.03 -36.55 0.20
CA CYS D 48 5.28 -35.17 -0.22
C CYS D 48 4.65 -34.19 0.74
N LYS D 49 5.30 -33.04 0.91
CA LYS D 49 4.79 -31.91 1.69
C LYS D 49 4.21 -32.36 3.03
N ASP D 50 5.03 -33.10 3.78
CA ASP D 50 4.69 -33.58 5.12
C ASP D 50 3.68 -34.73 5.13
N SER D 51 2.65 -34.66 4.28
CA SER D 51 1.51 -35.56 4.49
C SER D 51 0.79 -36.01 3.22
N GLU D 52 1.46 -36.05 2.07
CA GLU D 52 0.77 -36.34 0.81
C GLU D 52 1.31 -37.62 0.16
N ARG D 53 0.47 -38.24 -0.65
CA ARG D 53 0.78 -39.51 -1.31
C ARG D 53 1.07 -39.30 -2.79
N PRO D 54 2.25 -39.67 -3.28
CA PRO D 54 2.45 -39.75 -4.74
C PRO D 54 1.66 -40.91 -5.36
N SER D 55 1.84 -41.12 -6.67
CA SER D 55 0.97 -42.03 -7.40
C SER D 55 1.23 -43.49 -7.04
N GLY D 56 2.50 -43.89 -7.01
CA GLY D 56 2.84 -45.27 -6.77
C GLY D 56 2.75 -45.68 -5.33
N ILE D 57 2.39 -44.75 -4.45
CA ILE D 57 2.28 -45.03 -3.02
C ILE D 57 0.86 -45.49 -2.71
N PRO D 58 0.69 -46.73 -2.16
CA PRO D 58 -0.63 -47.22 -1.72
C PRO D 58 -1.14 -46.48 -0.51
N GLU D 59 -2.47 -46.47 -0.36
CA GLU D 59 -3.12 -45.66 0.66
C GLU D 59 -2.77 -46.07 2.09
N ARG D 60 -2.12 -47.22 2.29
CA ARG D 60 -1.79 -47.66 3.65
C ARG D 60 -0.79 -46.75 4.35
N PHE D 61 -0.13 -45.85 3.62
CA PHE D 61 0.82 -44.91 4.21
C PHE D 61 0.16 -43.57 4.43
N SER D 62 0.44 -42.97 5.59
CA SER D 62 -0.10 -41.66 5.92
C SER D 62 0.93 -40.89 6.74
N GLY D 63 0.92 -39.57 6.59
CA GLY D 63 1.83 -38.71 7.30
C GLY D 63 1.07 -37.67 8.12
N SER D 64 1.63 -37.31 9.27
CA SER D 64 1.03 -36.31 10.14
C SER D 64 2.12 -35.38 10.66
N ARG D 65 1.70 -34.19 11.08
CA ARG D 65 2.60 -33.16 11.57
C ARG D 65 2.11 -32.66 12.92
N SER D 66 3.05 -32.42 13.85
CA SER D 66 2.69 -31.96 15.19
C SER D 66 3.83 -31.09 15.71
N GLY D 67 3.70 -29.78 15.52
CA GLY D 67 4.67 -28.82 16.01
C GLY D 67 6.03 -28.96 15.35
N THR D 68 7.05 -29.30 16.14
CA THR D 68 8.38 -29.56 15.63
C THR D 68 8.61 -31.03 15.34
N THR D 69 7.55 -31.82 15.18
CA THR D 69 7.66 -33.26 14.97
C THR D 69 6.68 -33.71 13.90
N VAL D 70 7.20 -34.37 12.88
CA VAL D 70 6.37 -35.01 11.86
C VAL D 70 6.35 -36.51 12.14
N THR D 71 5.28 -37.16 11.68
CA THR D 71 5.08 -38.59 11.94
C THR D 71 4.69 -39.29 10.65
N LEU D 72 5.45 -40.32 10.29
CA LEU D 72 5.10 -41.20 9.18
C LEU D 72 4.33 -42.40 9.73
N THR D 73 3.10 -42.56 9.28
CA THR D 73 2.21 -43.61 9.79
C THR D 73 1.93 -44.60 8.67
N ILE D 74 2.37 -45.84 8.87
CA ILE D 74 2.09 -46.95 7.95
C ILE D 74 1.04 -47.83 8.61
N SER D 75 -0.12 -47.95 7.98
CA SER D 75 -1.20 -48.80 8.48
C SER D 75 -1.20 -50.13 7.75
N GLY D 76 -1.56 -51.19 8.47
CA GLY D 76 -1.52 -52.52 7.91
C GLY D 76 -0.14 -52.89 7.45
N VAL D 77 0.85 -52.72 8.32
CA VAL D 77 2.25 -53.00 7.99
C VAL D 77 2.36 -54.46 7.60
N GLN D 78 2.82 -54.70 6.37
CA GLN D 78 3.04 -56.05 5.86
C GLN D 78 4.53 -56.28 5.66
N ALA D 79 4.86 -57.52 5.27
CA ALA D 79 6.26 -57.89 5.06
C ALA D 79 6.89 -57.12 3.91
N GLU D 80 6.09 -56.60 2.99
CA GLU D 80 6.60 -55.84 1.85
C GLU D 80 7.25 -54.51 2.25
N ASP D 81 7.26 -54.17 3.54
CA ASP D 81 7.64 -52.84 4.00
C ASP D 81 9.00 -52.78 4.67
N GLU D 82 9.39 -53.82 5.42
CA GLU D 82 10.64 -53.87 6.18
C GLU D 82 11.82 -53.23 5.44
N ALA D 83 12.29 -52.09 5.93
CA ALA D 83 13.36 -51.33 5.28
C ALA D 83 13.85 -50.25 6.23
N ASP D 84 14.68 -49.36 5.72
CA ASP D 84 15.11 -48.15 6.42
C ASP D 84 14.36 -46.96 5.87
N TYR D 85 13.84 -46.12 6.76
CA TYR D 85 13.00 -44.99 6.39
C TYR D 85 13.63 -43.70 6.87
N HIS D 86 13.59 -42.67 6.03
CA HIS D 86 14.38 -41.46 6.22
C HIS D 86 13.53 -40.20 6.10
N CYS D 87 13.72 -39.26 7.02
CA CYS D 87 13.12 -37.94 6.93
C CYS D 87 14.15 -36.92 6.45
N GLN D 88 13.65 -35.80 5.94
CA GLN D 88 14.48 -34.85 5.20
C GLN D 88 13.77 -33.50 5.15
N SER D 89 14.56 -32.41 5.06
CA SER D 89 14.12 -31.01 5.12
C SER D 89 15.30 -30.10 4.74
N ALA D 90 15.07 -28.76 4.76
CA ALA D 90 16.03 -27.81 4.16
C ALA D 90 15.80 -26.35 4.54
N ASP D 91 16.56 -25.88 5.55
CA ASP D 91 16.30 -24.66 6.31
C ASP D 91 16.33 -23.38 5.46
N ASN D 92 16.32 -22.25 6.18
CA ASN D 92 16.39 -20.94 5.56
C ASN D 92 17.68 -20.76 4.81
N ARG D 93 18.81 -21.14 5.42
CA ARG D 93 20.08 -20.93 4.73
C ARG D 93 20.30 -21.92 3.57
N ALA D 94 19.26 -22.69 3.21
CA ALA D 94 19.29 -23.69 2.14
C ALA D 94 20.14 -24.89 2.54
N HIS D 95 20.05 -25.33 3.79
CA HIS D 95 20.80 -26.49 4.24
C HIS D 95 19.87 -27.69 4.20
N VAL D 96 20.11 -28.58 3.25
CA VAL D 96 19.28 -29.74 2.98
C VAL D 96 19.86 -30.93 3.75
N VAL D 97 19.11 -31.45 4.70
CA VAL D 97 19.66 -32.37 5.70
C VAL D 97 18.78 -33.61 5.81
N PHE D 98 19.42 -34.73 6.17
CA PHE D 98 18.74 -36.00 6.44
C PHE D 98 18.82 -36.33 7.92
N GLY D 99 17.89 -37.19 8.35
CA GLY D 99 17.96 -37.80 9.66
C GLY D 99 18.90 -38.99 9.65
N GLY D 100 18.93 -39.70 10.79
CA GLY D 100 19.83 -40.83 10.93
C GLY D 100 19.33 -42.12 10.33
N GLY D 101 18.02 -42.31 10.30
CA GLY D 101 17.46 -43.51 9.70
C GLY D 101 16.81 -44.43 10.71
N THR D 102 15.65 -44.96 10.36
CA THR D 102 14.89 -45.87 11.22
C THR D 102 14.69 -47.20 10.49
N LYS D 103 15.10 -48.28 11.14
CA LYS D 103 14.93 -49.62 10.57
C LYS D 103 13.64 -50.24 11.09
N LEU D 104 12.71 -50.50 10.19
CA LEU D 104 11.47 -51.18 10.54
C LEU D 104 11.68 -52.69 10.49
N THR D 105 11.18 -53.38 11.51
CA THR D 105 11.23 -54.83 11.55
C THR D 105 9.85 -55.37 11.86
N VAL D 106 9.38 -56.30 11.04
CA VAL D 106 8.11 -56.97 11.27
C VAL D 106 8.41 -58.15 12.19
N LEU D 107 8.14 -57.96 13.48
CA LEU D 107 8.38 -58.99 14.50
C LEU D 107 7.72 -60.31 14.13
N GLY D 108 8.49 -61.19 13.49
CA GLY D 108 8.01 -62.54 13.25
C GLY D 108 8.41 -63.46 14.39
N GLN D 109 9.70 -63.51 14.68
CA GLN D 109 10.28 -64.14 15.85
C GLN D 109 10.22 -63.15 17.02
N PRO D 110 10.08 -63.63 18.26
CA PRO D 110 9.94 -62.71 19.38
C PRO D 110 11.15 -61.81 19.56
N LYS D 111 10.92 -60.66 20.18
CA LYS D 111 11.98 -59.72 20.49
C LYS D 111 13.10 -60.40 21.27
N ALA D 112 14.33 -60.22 20.81
CA ALA D 112 15.50 -60.83 21.42
C ALA D 112 16.47 -59.74 21.83
N ASN D 113 16.85 -59.73 23.11
CA ASN D 113 17.82 -58.77 23.60
C ASN D 113 19.23 -59.20 23.22
N PRO D 114 20.12 -58.23 22.99
CA PRO D 114 21.47 -58.58 22.55
C PRO D 114 22.34 -59.09 23.68
N THR D 115 23.22 -60.02 23.33
CA THR D 115 24.28 -60.48 24.23
C THR D 115 25.56 -59.76 23.87
N VAL D 116 26.15 -59.10 24.87
CA VAL D 116 27.28 -58.18 24.65
C VAL D 116 28.51 -58.75 25.34
N THR D 117 29.61 -58.88 24.58
CA THR D 117 30.89 -59.30 25.10
C THR D 117 31.92 -58.24 24.79
N LEU D 118 32.71 -57.86 25.79
CA LEU D 118 33.69 -56.78 25.67
C LEU D 118 35.07 -57.31 26.04
N PHE D 119 36.04 -57.14 25.12
CA PHE D 119 37.40 -57.61 25.32
C PHE D 119 38.36 -56.45 25.53
N PRO D 120 39.36 -56.61 26.40
CA PRO D 120 40.39 -55.60 26.55
C PRO D 120 41.52 -55.84 25.55
N PRO D 121 42.43 -54.88 25.38
CA PRO D 121 43.59 -55.13 24.52
C PRO D 121 44.42 -56.27 25.06
N SER D 122 44.78 -57.20 24.18
CA SER D 122 45.64 -58.29 24.58
C SER D 122 47.01 -57.76 24.98
N SER D 123 47.70 -58.53 25.83
CA SER D 123 49.06 -58.14 26.21
C SER D 123 49.98 -58.10 25.01
N GLU D 124 49.67 -58.87 23.97
CA GLU D 124 50.51 -58.90 22.77
C GLU D 124 50.33 -57.65 21.92
N GLU D 125 49.09 -57.18 21.77
CA GLU D 125 48.85 -55.96 21.00
C GLU D 125 49.50 -54.76 21.66
N LEU D 126 49.45 -54.69 22.99
CA LEU D 126 50.09 -53.59 23.71
C LEU D 126 51.59 -53.57 23.45
N GLN D 127 52.22 -54.74 23.37
CA GLN D 127 53.65 -54.81 23.13
C GLN D 127 54.02 -54.45 21.69
N ALA D 128 53.03 -54.37 20.79
CA ALA D 128 53.23 -53.81 19.46
C ALA D 128 52.88 -52.33 19.41
N ASN D 129 52.64 -51.71 20.56
CA ASN D 129 52.37 -50.27 20.69
C ASN D 129 51.03 -49.89 20.06
N LYS D 130 50.01 -50.73 20.26
CA LYS D 130 48.65 -50.45 19.84
C LYS D 130 47.69 -50.94 20.90
N ALA D 131 46.42 -50.56 20.77
CA ALA D 131 45.41 -50.98 21.73
C ALA D 131 44.04 -50.93 21.05
N THR D 132 43.31 -52.05 21.08
CA THR D 132 42.01 -52.15 20.45
C THR D 132 41.04 -52.81 21.42
N LEU D 133 39.93 -52.12 21.70
CA LEU D 133 38.84 -52.70 22.47
C LEU D 133 37.83 -53.35 21.54
N VAL D 134 37.41 -54.56 21.88
CA VAL D 134 36.55 -55.38 21.03
C VAL D 134 35.23 -55.58 21.75
N CYS D 135 34.16 -54.99 21.21
CA CYS D 135 32.81 -55.15 21.75
C CYS D 135 31.95 -55.86 20.71
N LEU D 136 31.45 -57.04 21.07
CA LEU D 136 30.75 -57.91 20.14
C LEU D 136 29.31 -58.09 20.59
N ILE D 137 28.37 -57.91 19.65
CA ILE D 137 26.94 -57.89 19.93
C ILE D 137 26.27 -58.89 19.01
N SER D 138 25.42 -59.74 19.58
CA SER D 138 24.81 -60.82 18.80
C SER D 138 23.47 -61.21 19.40
N ASP D 139 22.73 -62.03 18.63
CA ASP D 139 21.49 -62.66 19.08
C ASP D 139 20.41 -61.65 19.44
N PHE D 140 20.35 -60.53 18.74
CA PHE D 140 19.28 -59.56 18.94
C PHE D 140 18.33 -59.55 17.76
N TYR D 141 17.05 -59.37 18.05
CA TYR D 141 16.00 -59.25 17.05
C TYR D 141 14.99 -58.24 17.58
N PRO D 142 14.68 -57.15 16.84
CA PRO D 142 15.12 -56.77 15.50
C PRO D 142 16.61 -56.50 15.34
N GLY D 143 17.05 -56.33 14.10
CA GLY D 143 18.45 -56.08 13.82
C GLY D 143 18.81 -54.61 13.73
N ALA D 144 18.64 -53.89 14.83
CA ALA D 144 19.02 -52.48 14.89
C ALA D 144 19.52 -52.18 16.29
N VAL D 145 20.78 -51.76 16.38
CA VAL D 145 21.43 -51.45 17.64
C VAL D 145 22.18 -50.14 17.51
N THR D 146 22.40 -49.48 18.65
CA THR D 146 23.26 -48.32 18.72
C THR D 146 24.26 -48.54 19.85
N VAL D 147 25.51 -48.12 19.63
CA VAL D 147 26.63 -48.44 20.51
C VAL D 147 27.27 -47.14 20.98
N ALA D 148 27.41 -47.00 22.29
CA ALA D 148 28.05 -45.85 22.91
C ALA D 148 29.29 -46.30 23.66
N TRP D 149 30.38 -45.56 23.52
CA TRP D 149 31.64 -45.85 24.18
C TRP D 149 31.89 -44.85 25.30
N LYS D 150 32.52 -45.33 26.37
CA LYS D 150 32.76 -44.53 27.56
C LYS D 150 34.18 -44.74 28.05
N ALA D 151 34.85 -43.65 28.38
CA ALA D 151 36.10 -43.68 29.14
C ALA D 151 35.77 -43.37 30.59
N ASP D 152 35.98 -44.34 31.47
CA ASP D 152 35.47 -44.28 32.85
C ASP D 152 33.96 -44.10 32.80
N SER D 153 33.52 -42.84 32.76
CA SER D 153 32.10 -42.52 32.62
C SER D 153 31.87 -41.37 31.64
N SER D 154 32.85 -41.07 30.79
CA SER D 154 32.80 -39.96 29.84
C SER D 154 32.69 -40.50 28.41
N PRO D 155 31.88 -39.86 27.56
CA PRO D 155 31.67 -40.40 26.22
C PRO D 155 32.93 -40.32 25.37
N VAL D 156 33.15 -41.35 24.56
CA VAL D 156 34.25 -41.42 23.62
C VAL D 156 33.67 -41.51 22.21
N LYS D 157 34.23 -40.71 21.29
CA LYS D 157 33.69 -40.69 19.94
C LYS D 157 34.76 -40.94 18.88
N ALA D 158 35.99 -40.48 19.13
CA ALA D 158 37.05 -40.67 18.16
C ALA D 158 37.53 -42.12 18.17
N GLY D 159 37.91 -42.60 16.99
CA GLY D 159 38.45 -43.94 16.87
C GLY D 159 37.44 -45.05 17.06
N VAL D 160 36.18 -44.81 16.72
CA VAL D 160 35.12 -45.80 16.85
C VAL D 160 34.75 -46.30 15.46
N GLU D 161 34.80 -47.62 15.27
CA GLU D 161 34.40 -48.26 14.02
C GLU D 161 33.40 -49.35 14.36
N THR D 162 32.21 -49.27 13.78
CA THR D 162 31.11 -50.17 14.11
C THR D 162 30.51 -50.76 12.85
N THR D 163 30.24 -52.06 12.88
CA THR D 163 29.58 -52.71 11.75
C THR D 163 28.09 -52.39 11.72
N THR D 164 27.49 -52.67 10.58
CA THR D 164 26.05 -52.68 10.43
C THR D 164 25.50 -54.00 10.98
N PRO D 165 24.27 -54.00 11.51
CA PRO D 165 23.67 -55.26 11.95
C PRO D 165 23.51 -56.23 10.79
N SER D 166 23.92 -57.47 10.99
CA SER D 166 23.91 -58.48 9.95
C SER D 166 23.18 -59.73 10.42
N LYS D 167 22.36 -60.28 9.53
CA LYS D 167 21.56 -61.46 9.84
C LYS D 167 22.46 -62.67 9.98
N GLN D 168 22.28 -63.38 11.07
CA GLN D 168 23.15 -64.49 11.39
C GLN D 168 22.34 -65.78 11.16
N SER D 169 22.81 -66.92 11.70
CA SER D 169 22.21 -68.20 11.32
C SER D 169 20.74 -68.31 11.76
N ASN D 170 20.45 -68.03 13.03
CA ASN D 170 19.13 -68.26 13.60
C ASN D 170 18.15 -67.11 13.34
N ASN D 171 18.36 -66.33 12.29
CA ASN D 171 17.55 -65.18 11.89
C ASN D 171 17.59 -64.04 12.88
N LYS D 172 18.39 -64.14 13.95
CA LYS D 172 18.72 -62.98 14.77
C LYS D 172 19.82 -62.20 14.05
N TYR D 173 20.37 -61.18 14.69
CA TYR D 173 21.35 -60.33 14.04
C TYR D 173 22.60 -60.23 14.91
N ALA D 174 23.69 -59.77 14.29
CA ALA D 174 24.98 -59.66 14.96
C ALA D 174 25.67 -58.39 14.49
N ALA D 175 26.58 -57.90 15.33
CA ALA D 175 27.32 -56.67 15.04
C ALA D 175 28.53 -56.60 15.95
N SER D 176 29.44 -55.68 15.62
CA SER D 176 30.67 -55.50 16.40
C SER D 176 31.11 -54.05 16.31
N SER D 177 31.79 -53.59 17.36
CA SER D 177 32.28 -52.22 17.45
C SER D 177 33.68 -52.23 18.04
N TYR D 178 34.57 -51.45 17.44
CA TYR D 178 35.98 -51.42 17.81
C TYR D 178 36.39 -50.01 18.23
N LEU D 179 37.18 -49.93 19.29
CA LEU D 179 37.76 -48.67 19.75
C LEU D 179 39.28 -48.80 19.69
N SER D 180 39.91 -47.94 18.89
CA SER D 180 41.36 -47.92 18.78
C SER D 180 41.93 -46.89 19.75
N LEU D 181 42.85 -47.33 20.60
CA LEU D 181 43.47 -46.47 21.60
C LEU D 181 44.99 -46.61 21.51
N THR D 182 45.68 -45.59 21.97
CA THR D 182 47.08 -45.79 22.28
C THR D 182 47.18 -46.49 23.63
N PRO D 183 48.22 -47.30 23.84
CA PRO D 183 48.37 -47.96 25.16
C PRO D 183 48.41 -46.98 26.31
N GLU D 184 48.81 -45.73 26.06
CA GLU D 184 48.77 -44.71 27.09
C GLU D 184 47.34 -44.38 27.49
N GLN D 185 46.47 -44.17 26.50
CA GLN D 185 45.06 -43.90 26.80
C GLN D 185 44.40 -45.08 27.50
N TRP D 186 44.75 -46.31 27.08
CA TRP D 186 44.17 -47.48 27.72
C TRP D 186 44.59 -47.59 29.19
N LYS D 187 45.85 -47.32 29.48
CA LYS D 187 46.36 -47.40 30.84
C LYS D 187 46.10 -46.14 31.65
N SER D 188 45.56 -45.08 31.04
CA SER D 188 45.32 -43.84 31.77
C SER D 188 44.01 -43.89 32.54
N HIS D 189 42.93 -44.31 31.88
CA HIS D 189 41.63 -44.38 32.53
C HIS D 189 41.48 -45.67 33.32
N ARG D 190 40.62 -45.64 34.33
CA ARG D 190 40.44 -46.82 35.17
C ARG D 190 39.61 -47.89 34.48
N SER D 191 38.76 -47.50 33.53
CA SER D 191 37.90 -48.47 32.85
C SER D 191 37.32 -47.82 31.60
N TYR D 192 36.98 -48.66 30.63
CA TYR D 192 36.21 -48.27 29.47
C TYR D 192 34.94 -49.12 29.42
N SER D 193 33.87 -48.52 28.89
CA SER D 193 32.58 -49.19 28.83
C SER D 193 32.05 -49.19 27.40
N CYS D 194 31.35 -50.27 27.06
CA CYS D 194 30.65 -50.40 25.78
C CYS D 194 29.16 -50.49 26.07
N GLN D 195 28.40 -49.50 25.61
CA GLN D 195 26.99 -49.37 25.92
C GLN D 195 26.17 -49.65 24.66
N VAL D 196 25.42 -50.74 24.69
CA VAL D 196 24.58 -51.17 23.58
C VAL D 196 23.13 -50.92 23.96
N THR D 197 22.39 -50.23 23.09
CA THR D 197 20.98 -49.94 23.29
C THR D 197 20.16 -50.62 22.20
N HIS D 198 19.16 -51.41 22.61
CA HIS D 198 18.32 -52.17 21.70
C HIS D 198 16.86 -51.99 22.11
N GLU D 199 16.13 -51.16 21.37
CA GLU D 199 14.72 -50.90 21.61
C GLU D 199 14.47 -50.44 23.05
N GLY D 200 15.09 -49.31 23.38
CA GLY D 200 14.92 -48.75 24.70
C GLY D 200 15.77 -49.40 25.77
N SER D 201 16.04 -50.70 25.61
CA SER D 201 16.90 -51.41 26.55
C SER D 201 18.36 -51.04 26.30
N THR D 202 19.19 -51.20 27.34
CA THR D 202 20.60 -50.85 27.25
C THR D 202 21.42 -51.86 28.03
N VAL D 203 22.39 -52.49 27.36
CA VAL D 203 23.30 -53.45 27.97
C VAL D 203 24.70 -52.84 27.97
N GLU D 204 25.40 -52.93 29.11
CA GLU D 204 26.70 -52.31 29.27
C GLU D 204 27.69 -53.31 29.82
N LYS D 205 28.87 -53.38 29.21
CA LYS D 205 29.99 -54.16 29.71
C LYS D 205 31.17 -53.22 29.93
N THR D 206 32.06 -53.60 30.86
CA THR D 206 33.16 -52.74 31.27
C THR D 206 34.41 -53.56 31.50
N VAL D 207 35.57 -53.02 31.08
CA VAL D 207 36.85 -53.67 31.24
C VAL D 207 37.85 -52.66 31.80
N ALA D 208 38.85 -53.18 32.51
CA ALA D 208 39.86 -52.36 33.17
C ALA D 208 41.25 -52.90 32.89
N PRO D 209 42.27 -52.02 32.88
CA PRO D 209 43.63 -52.47 32.61
C PRO D 209 44.28 -53.21 33.78
N THR D 210 44.28 -54.55 33.71
CA THR D 210 44.95 -55.38 34.71
C THR D 210 45.69 -56.53 34.05
N VAL E 2 11.94 -40.87 -15.59
CA VAL E 2 13.25 -40.24 -15.46
C VAL E 2 14.22 -41.17 -14.74
N GLN E 3 15.44 -41.29 -15.27
CA GLN E 3 16.46 -42.16 -14.71
C GLN E 3 17.76 -41.38 -14.54
N LEU E 4 18.50 -41.70 -13.48
CA LEU E 4 19.77 -41.07 -13.18
C LEU E 4 20.83 -42.15 -13.02
N VAL E 5 21.97 -41.96 -13.67
CA VAL E 5 23.05 -42.94 -13.69
C VAL E 5 24.33 -42.28 -13.22
N GLU E 6 25.06 -42.95 -12.33
CA GLU E 6 26.33 -42.45 -11.82
C GLU E 6 27.50 -43.00 -12.64
N SER E 7 28.59 -42.25 -12.66
CA SER E 7 29.77 -42.64 -13.42
C SER E 7 31.01 -42.06 -12.75
N GLY E 8 32.08 -42.86 -12.70
CA GLY E 8 33.32 -42.44 -12.11
C GLY E 8 34.09 -43.60 -11.51
N PRO E 9 35.37 -43.38 -11.22
CA PRO E 9 36.19 -44.47 -10.65
C PRO E 9 35.68 -44.91 -9.30
N GLY E 10 35.77 -46.22 -9.05
CA GLY E 10 35.33 -46.81 -7.81
C GLY E 10 36.35 -46.84 -6.70
N GLN E 11 37.57 -46.36 -6.94
CA GLN E 11 38.60 -46.29 -5.92
C GLN E 11 39.29 -44.94 -5.98
N VAL E 12 39.54 -44.37 -4.81
CA VAL E 12 40.27 -43.12 -4.67
C VAL E 12 41.23 -43.26 -3.50
N LYS E 13 42.51 -42.98 -3.73
CA LYS E 13 43.47 -43.03 -2.65
C LYS E 13 43.24 -41.84 -1.70
N PRO E 14 43.77 -41.91 -0.48
CA PRO E 14 43.51 -40.83 0.49
C PRO E 14 44.06 -39.49 0.04
N SER E 15 43.39 -38.42 0.49
CA SER E 15 43.79 -37.03 0.29
C SER E 15 43.75 -36.63 -1.18
N GLU E 16 42.95 -37.29 -2.00
CA GLU E 16 42.87 -37.02 -3.42
C GLU E 16 41.54 -36.38 -3.76
N THR E 17 41.42 -35.97 -5.02
CA THR E 17 40.19 -35.41 -5.55
C THR E 17 39.31 -36.55 -6.09
N LEU E 18 38.09 -36.65 -5.59
CA LEU E 18 37.13 -37.64 -6.05
C LEU E 18 36.23 -36.98 -7.08
N SER E 19 36.21 -37.54 -8.29
CA SER E 19 35.39 -37.05 -9.38
C SER E 19 34.29 -38.03 -9.69
N LEU E 20 33.06 -37.53 -9.81
CA LEU E 20 31.91 -38.34 -10.18
C LEU E 20 31.01 -37.52 -11.10
N THR E 21 30.42 -38.19 -12.09
CA THR E 21 29.53 -37.55 -13.05
C THR E 21 28.23 -38.34 -13.11
N CYS E 22 27.12 -37.65 -12.92
CA CYS E 22 25.80 -38.25 -12.98
C CYS E 22 25.13 -37.89 -14.30
N THR E 23 24.56 -38.89 -14.97
CA THR E 23 23.92 -38.72 -16.27
C THR E 23 22.46 -39.08 -16.15
N VAL E 24 21.58 -38.14 -16.52
CA VAL E 24 20.14 -38.35 -16.47
C VAL E 24 19.64 -38.66 -17.89
N SER E 25 18.54 -39.40 -17.96
CA SER E 25 17.95 -39.79 -19.24
C SER E 25 16.47 -40.08 -19.10
N GLY E 26 15.67 -39.04 -18.89
CA GLY E 26 14.24 -39.18 -18.77
C GLY E 26 13.55 -37.84 -18.84
N GLY E 27 14.34 -36.78 -18.93
CA GLY E 27 13.83 -35.42 -19.01
C GLY E 27 14.87 -34.44 -19.52
N SER E 28 15.09 -33.37 -18.77
CA SER E 28 16.09 -32.37 -19.15
C SER E 28 16.60 -31.66 -17.90
N ILE E 29 17.92 -31.55 -17.79
CA ILE E 29 18.51 -30.80 -16.68
C ILE E 29 18.28 -29.30 -16.87
N SER E 30 18.21 -28.84 -18.12
CA SER E 30 17.98 -27.43 -18.43
C SER E 30 16.58 -26.94 -18.02
N SER E 31 15.79 -27.72 -17.28
CA SER E 31 14.48 -27.29 -16.86
C SER E 31 14.57 -26.31 -15.70
N SER E 32 13.65 -25.35 -15.68
CA SER E 32 13.62 -24.31 -14.66
C SER E 32 12.64 -24.63 -13.54
N SER E 33 12.76 -25.83 -12.97
CA SER E 33 11.89 -26.23 -11.88
C SER E 33 12.52 -27.25 -10.95
N TYR E 34 13.76 -27.68 -11.19
CA TYR E 34 14.33 -28.80 -10.47
C TYR E 34 15.82 -28.59 -10.28
N TYR E 35 16.32 -29.01 -9.11
CA TYR E 35 17.75 -29.02 -8.83
C TYR E 35 18.31 -30.41 -9.05
N TRP E 36 19.65 -30.49 -9.00
CA TRP E 36 20.37 -31.74 -9.24
C TRP E 36 21.45 -31.86 -8.17
N GLY E 37 21.26 -32.80 -7.25
CA GLY E 37 22.09 -32.89 -6.07
C GLY E 37 22.92 -34.16 -6.03
N TRP E 38 23.69 -34.26 -4.95
CA TRP E 38 24.47 -35.45 -4.63
C TRP E 38 24.24 -35.79 -3.17
N ILE E 39 24.02 -37.07 -2.90
CA ILE E 39 23.79 -37.55 -1.55
C ILE E 39 24.61 -38.81 -1.34
N ARG E 40 25.23 -38.92 -0.16
CA ARG E 40 26.05 -40.06 0.17
C ARG E 40 25.60 -40.67 1.50
N GLN E 41 25.99 -41.91 1.71
CA GLN E 41 25.79 -42.54 3.00
C GLN E 41 26.90 -43.58 3.17
N PRO E 42 27.67 -43.51 4.25
CA PRO E 42 28.63 -44.56 4.55
C PRO E 42 27.92 -45.88 4.76
N PRO E 43 28.62 -47.01 4.60
CA PRO E 43 27.97 -48.32 4.76
C PRO E 43 27.33 -48.46 6.14
N GLY E 44 26.02 -48.70 6.15
CA GLY E 44 25.31 -48.89 7.39
C GLY E 44 25.18 -47.65 8.25
N LYS E 45 25.32 -46.46 7.66
CA LYS E 45 25.12 -45.20 8.36
C LYS E 45 23.92 -44.48 7.75
N GLY E 46 23.66 -43.27 8.26
CA GLY E 46 22.58 -42.45 7.75
C GLY E 46 22.94 -41.75 6.46
N LEU E 47 21.95 -41.06 5.91
CA LEU E 47 22.14 -40.31 4.68
C LEU E 47 22.77 -38.95 4.98
N GLU E 48 23.41 -38.39 3.96
CA GLU E 48 24.06 -37.08 4.07
C GLU E 48 24.03 -36.41 2.71
N TRP E 49 23.34 -35.28 2.63
CA TRP E 49 23.31 -34.51 1.38
C TRP E 49 24.62 -33.77 1.17
N ILE E 50 25.12 -33.82 -0.07
CA ILE E 50 26.39 -33.21 -0.41
C ILE E 50 26.15 -31.79 -0.91
N GLY E 51 25.56 -31.66 -2.10
CA GLY E 51 25.29 -30.37 -2.68
C GLY E 51 24.33 -30.47 -3.85
N SER E 52 23.51 -29.44 -4.06
CA SER E 52 22.56 -29.40 -5.16
C SER E 52 22.96 -28.28 -6.11
N ILE E 53 22.92 -28.58 -7.41
CA ILE E 53 23.31 -27.60 -8.42
C ILE E 53 22.13 -27.38 -9.36
N TYR E 54 22.10 -26.21 -9.97
CA TYR E 54 21.05 -25.78 -10.88
C TYR E 54 21.62 -25.66 -12.29
N TYR E 55 20.72 -25.56 -13.28
CA TYR E 55 21.15 -25.59 -14.67
C TYR E 55 22.02 -24.40 -15.03
N SER E 56 21.96 -23.31 -14.26
CA SER E 56 22.87 -22.19 -14.48
C SER E 56 24.27 -22.61 -14.06
N GLY E 57 24.69 -22.18 -12.87
CA GLY E 57 25.96 -22.62 -12.35
C GLY E 57 26.03 -22.59 -10.85
N SER E 58 25.42 -21.58 -10.24
CA SER E 58 25.44 -21.46 -8.79
C SER E 58 24.90 -22.74 -8.14
N ALA E 59 25.38 -22.99 -6.92
CA ALA E 59 25.00 -24.18 -6.18
C ALA E 59 25.28 -23.92 -4.71
N TYR E 60 24.76 -24.79 -3.86
CA TYR E 60 25.01 -24.68 -2.43
C TYR E 60 25.33 -26.06 -1.87
N TYR E 61 26.25 -26.10 -0.93
CA TYR E 61 26.80 -27.35 -0.40
C TYR E 61 26.68 -27.36 1.12
N ASN E 62 27.11 -28.46 1.73
CA ASN E 62 27.08 -28.59 3.17
C ASN E 62 28.02 -27.58 3.82
N PRO E 63 27.72 -27.12 5.04
CA PRO E 63 28.71 -26.33 5.79
C PRO E 63 30.00 -27.09 6.03
N SER E 64 29.90 -28.33 6.49
CA SER E 64 31.07 -29.15 6.74
C SER E 64 31.87 -29.36 5.46
N LEU E 65 31.28 -30.05 4.49
CA LEU E 65 31.89 -30.22 3.17
C LEU E 65 31.48 -29.03 2.31
N LYS E 66 32.22 -27.95 2.42
CA LYS E 66 32.08 -26.73 1.65
C LYS E 66 33.37 -26.30 1.00
N SER E 67 34.49 -26.35 1.74
CA SER E 67 35.77 -25.96 1.17
C SER E 67 36.26 -26.98 0.18
N ARG E 68 36.26 -28.27 0.54
CA ARG E 68 36.79 -29.30 -0.35
C ARG E 68 35.73 -29.87 -1.29
N VAL E 69 34.67 -29.12 -1.60
CA VAL E 69 33.61 -29.60 -2.47
C VAL E 69 33.29 -28.53 -3.51
N THR E 70 32.97 -28.99 -4.72
CA THR E 70 32.55 -28.15 -5.83
C THR E 70 31.70 -29.01 -6.77
N ILE E 71 30.68 -28.42 -7.37
CA ILE E 71 29.80 -29.13 -8.29
C ILE E 71 29.74 -28.40 -9.62
N SER E 72 29.73 -29.17 -10.71
CA SER E 72 29.58 -28.64 -12.06
C SER E 72 28.39 -29.29 -12.74
N VAL E 73 28.00 -28.72 -13.88
CA VAL E 73 26.90 -29.22 -14.71
C VAL E 73 27.31 -29.17 -16.17
N ASP E 74 26.56 -29.88 -17.03
CA ASP E 74 26.74 -29.73 -18.48
C ASP E 74 25.39 -29.98 -19.14
N THR E 75 24.68 -28.90 -19.49
CA THR E 75 23.39 -29.03 -20.14
C THR E 75 23.52 -29.68 -21.50
N SER E 76 24.62 -29.43 -22.21
CA SER E 76 24.82 -30.02 -23.53
C SER E 76 24.80 -31.54 -23.47
N LYS E 77 25.57 -32.12 -22.57
CA LYS E 77 25.59 -33.56 -22.35
C LYS E 77 24.52 -34.01 -21.36
N ASN E 78 23.70 -33.08 -20.85
CA ASN E 78 22.59 -33.39 -19.97
C ASN E 78 23.06 -34.17 -18.74
N GLN E 79 24.07 -33.61 -18.07
CA GLN E 79 24.69 -34.31 -16.96
C GLN E 79 25.40 -33.29 -16.06
N PHE E 80 25.40 -33.59 -14.77
CA PHE E 80 26.14 -32.81 -13.78
C PHE E 80 27.14 -33.72 -13.08
N SER E 81 28.18 -33.10 -12.51
CA SER E 81 29.29 -33.84 -11.93
C SER E 81 29.51 -33.40 -10.49
N LEU E 82 30.48 -34.05 -9.84
CA LEU E 82 30.80 -33.82 -8.45
C LEU E 82 32.31 -33.93 -8.27
N LYS E 83 32.88 -33.00 -7.51
CA LYS E 83 34.31 -32.99 -7.23
C LYS E 83 34.51 -32.79 -5.73
N LEU E 84 35.30 -33.68 -5.12
CA LEU E 84 35.57 -33.66 -3.68
C LEU E 84 37.08 -33.68 -3.48
N ASN E 85 37.65 -32.53 -3.16
CA ASN E 85 39.09 -32.43 -2.95
C ASN E 85 39.50 -33.02 -1.61
N SER E 86 40.74 -33.48 -1.54
CA SER E 86 41.38 -33.93 -0.30
C SER E 86 40.52 -34.96 0.42
N VAL E 87 40.33 -36.10 -0.23
CA VAL E 87 39.44 -37.13 0.27
C VAL E 87 40.15 -37.94 1.36
N THR E 88 39.65 -37.85 2.58
CA THR E 88 40.09 -38.74 3.65
C THR E 88 39.37 -40.08 3.49
N ALA E 89 39.53 -41.00 4.45
CA ALA E 89 38.87 -42.29 4.33
C ALA E 89 37.54 -42.36 5.06
N ALA E 90 37.13 -41.29 5.73
CA ALA E 90 35.75 -41.20 6.20
C ALA E 90 34.77 -40.95 5.06
N ASP E 91 35.29 -40.73 3.85
CA ASP E 91 34.46 -40.52 2.66
C ASP E 91 34.04 -41.82 2.00
N THR E 92 34.44 -42.96 2.53
CA THR E 92 34.02 -44.26 1.99
C THR E 92 32.51 -44.40 2.09
N ALA E 93 31.81 -44.25 0.97
CA ALA E 93 30.35 -44.26 0.99
C ALA E 93 29.83 -44.57 -0.40
N VAL E 94 28.52 -44.79 -0.48
CA VAL E 94 27.81 -44.95 -1.74
C VAL E 94 27.19 -43.60 -2.09
N PHE E 95 27.48 -43.12 -3.30
CA PHE E 95 27.11 -41.77 -3.72
C PHE E 95 25.93 -41.86 -4.69
N TYR E 96 24.81 -41.26 -4.31
CA TYR E 96 23.63 -41.19 -5.15
C TYR E 96 23.50 -39.80 -5.76
N CYS E 97 22.91 -39.73 -6.94
CA CYS E 97 22.49 -38.47 -7.54
C CYS E 97 20.98 -38.52 -7.73
N ALA E 98 20.29 -37.57 -7.12
CA ALA E 98 18.83 -37.51 -7.16
C ALA E 98 18.40 -36.20 -7.79
N ARG E 99 17.08 -36.04 -7.91
CA ARG E 99 16.47 -34.87 -8.54
C ARG E 99 15.72 -34.10 -7.47
N HIS E 100 15.98 -32.80 -7.39
CA HIS E 100 15.58 -31.98 -6.25
C HIS E 100 14.51 -30.99 -6.68
N ALA E 101 13.42 -30.93 -5.91
CA ALA E 101 12.28 -30.07 -6.21
C ALA E 101 12.09 -29.06 -5.09
N ALA E 102 11.99 -27.78 -5.46
CA ALA E 102 11.87 -26.68 -4.50
C ALA E 102 10.75 -25.75 -4.92
N PRO E 103 9.50 -26.11 -4.59
CA PRO E 103 8.37 -25.26 -4.98
C PRO E 103 8.23 -23.98 -4.16
N SER E 104 8.12 -24.10 -2.84
CA SER E 104 7.87 -22.97 -1.97
C SER E 104 9.13 -22.73 -1.14
N PRO E 105 9.12 -22.03 0.04
CA PRO E 105 10.42 -21.71 0.64
C PRO E 105 11.02 -22.83 1.48
N GLY E 106 10.18 -23.76 1.96
CA GLY E 106 10.66 -24.84 2.78
C GLY E 106 10.49 -26.21 2.14
N ASP E 107 9.71 -26.25 1.07
CA ASP E 107 9.47 -27.49 0.32
C ASP E 107 10.75 -27.91 -0.38
N ASN E 108 11.38 -28.99 0.09
CA ASN E 108 12.61 -29.47 -0.53
C ASN E 108 12.69 -30.98 -0.37
N TRP E 109 12.46 -31.70 -1.48
CA TRP E 109 12.53 -33.15 -1.48
C TRP E 109 13.30 -33.63 -2.70
N PHE E 110 13.69 -34.90 -2.66
CA PHE E 110 14.38 -35.58 -3.76
C PHE E 110 13.40 -36.58 -4.38
N ASP E 111 12.90 -36.27 -5.56
CA ASP E 111 11.79 -37.04 -6.12
C ASP E 111 12.29 -38.41 -6.62
N PRO E 112 13.05 -38.52 -7.74
CA PRO E 112 13.56 -39.84 -8.12
C PRO E 112 15.06 -39.98 -7.90
N TRP E 113 15.46 -41.03 -7.18
CA TRP E 113 16.87 -41.24 -6.88
C TRP E 113 17.55 -42.05 -7.97
N GLY E 114 18.88 -41.98 -7.98
CA GLY E 114 19.69 -42.87 -8.79
C GLY E 114 20.19 -44.03 -7.96
N GLN E 115 20.56 -45.12 -8.64
CA GLN E 115 20.93 -46.33 -7.93
C GLN E 115 22.20 -46.16 -7.12
N GLY E 116 23.09 -45.26 -7.53
CA GLY E 116 24.25 -44.93 -6.73
C GLY E 116 25.45 -45.84 -6.95
N THR E 117 26.64 -45.27 -6.89
CA THR E 117 27.89 -46.01 -6.98
C THR E 117 28.62 -45.98 -5.64
N LEU E 118 29.33 -47.06 -5.35
CA LEU E 118 30.15 -47.14 -4.14
C LEU E 118 31.59 -46.84 -4.52
N VAL E 119 32.13 -45.77 -3.94
CA VAL E 119 33.53 -45.42 -4.08
C VAL E 119 34.19 -45.64 -2.73
N THR E 120 35.21 -46.49 -2.69
CA THR E 120 35.89 -46.85 -1.46
C THR E 120 37.27 -46.20 -1.46
N VAL E 121 37.50 -45.30 -0.51
CA VAL E 121 38.74 -44.58 -0.42
C VAL E 121 39.70 -45.35 0.47
N SER E 122 40.80 -45.81 -0.12
CA SER E 122 41.77 -46.63 0.58
C SER E 122 43.05 -46.73 -0.23
N SER E 123 44.17 -46.29 0.33
CA SER E 123 45.48 -46.69 -0.19
C SER E 123 45.81 -48.11 0.23
N ALA E 124 44.79 -48.94 0.33
CA ALA E 124 44.90 -50.27 0.92
C ALA E 124 45.49 -51.22 -0.10
N SER E 125 46.79 -51.45 0.01
CA SER E 125 47.42 -52.52 -0.74
C SER E 125 47.23 -53.85 0.00
N THR E 126 47.43 -54.94 -0.73
CA THR E 126 47.28 -56.27 -0.15
C THR E 126 48.16 -56.41 1.08
N LYS E 127 47.56 -56.82 2.19
CA LYS E 127 48.27 -56.88 3.47
C LYS E 127 47.71 -58.02 4.30
N GLY E 128 48.62 -58.83 4.86
CA GLY E 128 48.23 -59.91 5.74
C GLY E 128 47.82 -59.38 7.10
N PRO E 129 47.02 -60.15 7.83
CA PRO E 129 46.50 -59.69 9.12
C PRO E 129 47.41 -60.02 10.29
N SER E 130 47.31 -59.17 11.32
CA SER E 130 47.91 -59.46 12.62
C SER E 130 46.86 -60.15 13.48
N VAL E 131 47.25 -61.26 14.10
CA VAL E 131 46.33 -62.09 14.88
C VAL E 131 46.73 -61.99 16.35
N PHE E 132 45.78 -61.56 17.19
CA PHE E 132 45.99 -61.43 18.61
C PHE E 132 44.97 -62.24 19.39
N PRO E 133 45.38 -62.91 20.46
CA PRO E 133 44.41 -63.68 21.25
C PRO E 133 43.52 -62.79 22.08
N LEU E 134 42.26 -63.19 22.21
CA LEU E 134 41.30 -62.54 23.09
C LEU E 134 41.04 -63.50 24.24
N ALA E 135 41.79 -63.30 25.33
CA ALA E 135 41.77 -64.25 26.43
C ALA E 135 40.43 -64.22 27.16
N PRO E 136 39.97 -65.36 27.66
CA PRO E 136 38.74 -65.38 28.45
C PRO E 136 38.94 -64.66 29.78
N SER E 137 37.92 -63.91 30.17
CA SER E 137 38.01 -63.09 31.37
C SER E 137 38.13 -63.95 32.62
N SER E 138 38.89 -63.44 33.60
CA SER E 138 39.04 -64.16 34.86
C SER E 138 37.75 -64.20 35.65
N LYS E 139 36.89 -63.20 35.48
CA LYS E 139 35.59 -63.17 36.15
C LYS E 139 34.57 -63.97 35.34
N GLY E 144 28.35 -69.65 34.02
CA GLY E 144 28.68 -71.03 33.73
C GLY E 144 29.38 -71.21 32.40
N THR E 145 29.40 -70.16 31.60
CA THR E 145 30.03 -70.17 30.28
C THR E 145 30.96 -68.97 30.15
N ALA E 146 31.88 -69.06 29.19
CA ALA E 146 32.86 -68.00 28.96
C ALA E 146 33.14 -67.90 27.47
N ALA E 147 33.54 -66.71 27.04
CA ALA E 147 33.81 -66.42 25.64
C ALA E 147 35.29 -66.12 25.45
N LEU E 148 35.90 -66.77 24.46
CA LEU E 148 37.28 -66.50 24.06
C LEU E 148 37.31 -66.40 22.54
N GLY E 149 38.30 -65.68 22.02
CA GLY E 149 38.35 -65.46 20.59
C GLY E 149 39.70 -64.96 20.11
N CYS E 150 39.71 -64.54 18.84
CA CYS E 150 40.92 -64.08 18.17
C CYS E 150 40.62 -62.80 17.40
N LEU E 151 41.48 -61.80 17.58
CA LEU E 151 41.35 -60.53 16.89
C LEU E 151 42.18 -60.57 15.60
N VAL E 152 41.51 -60.43 14.46
CA VAL E 152 42.15 -60.44 13.15
C VAL E 152 42.16 -59.00 12.66
N LYS E 153 43.34 -58.39 12.61
CA LYS E 153 43.48 -56.94 12.52
C LYS E 153 44.33 -56.53 11.33
N ASP E 154 43.84 -55.53 10.59
CA ASP E 154 44.59 -54.82 9.55
C ASP E 154 45.01 -55.76 8.42
N TYR E 155 44.00 -56.11 7.61
CA TYR E 155 44.23 -56.91 6.40
C TYR E 155 43.46 -56.30 5.24
N PHE E 156 43.89 -56.68 4.02
CA PHE E 156 43.25 -56.26 2.79
C PHE E 156 43.73 -57.16 1.68
N PRO E 157 42.86 -57.59 0.77
CA PRO E 157 41.42 -57.33 0.79
C PRO E 157 40.64 -58.46 1.48
N GLU E 158 39.32 -58.33 1.52
CA GLU E 158 38.49 -59.44 1.98
C GLU E 158 38.70 -60.64 1.04
N PRO E 159 38.54 -61.86 1.56
CA PRO E 159 38.20 -62.21 2.94
C PRO E 159 39.27 -63.00 3.68
N VAL E 160 38.96 -63.39 4.91
CA VAL E 160 39.78 -64.32 5.69
C VAL E 160 38.86 -65.43 6.18
N THR E 161 39.44 -66.63 6.33
CA THR E 161 38.72 -67.77 6.90
C THR E 161 39.29 -68.08 8.28
N VAL E 162 38.41 -68.40 9.21
CA VAL E 162 38.79 -68.72 10.58
C VAL E 162 38.14 -70.04 10.98
N SER E 163 38.95 -70.98 11.46
CA SER E 163 38.48 -72.21 12.06
C SER E 163 39.13 -72.35 13.43
N TRP E 164 38.63 -73.31 14.21
CA TRP E 164 39.11 -73.53 15.57
C TRP E 164 39.48 -74.99 15.74
N ASN E 165 40.68 -75.25 16.27
CA ASN E 165 41.21 -76.60 16.44
C ASN E 165 41.16 -77.38 15.12
N SER E 166 41.48 -76.68 14.03
CA SER E 166 41.53 -77.27 12.68
C SER E 166 40.14 -77.74 12.22
N GLY E 167 39.11 -76.99 12.61
CA GLY E 167 37.75 -77.35 12.27
C GLY E 167 37.11 -78.40 13.15
N ALA E 168 37.88 -78.98 14.08
CA ALA E 168 37.30 -79.96 14.99
C ALA E 168 36.28 -79.35 15.93
N LEU E 169 36.43 -78.06 16.23
CA LEU E 169 35.50 -77.33 17.09
C LEU E 169 34.63 -76.44 16.21
N THR E 170 33.34 -76.74 16.14
CA THR E 170 32.41 -75.98 15.31
C THR E 170 31.24 -75.46 16.14
N SER E 171 30.88 -76.19 17.19
CA SER E 171 29.78 -75.77 18.06
C SER E 171 30.21 -74.59 18.91
N GLY E 172 29.39 -73.55 18.93
CA GLY E 172 29.67 -72.37 19.73
C GLY E 172 30.53 -71.32 19.06
N VAL E 173 30.88 -71.50 17.79
CA VAL E 173 31.75 -70.57 17.08
C VAL E 173 30.91 -69.52 16.38
N HIS E 174 31.33 -68.27 16.47
CA HIS E 174 30.67 -67.16 15.79
C HIS E 174 31.74 -66.22 15.26
N THR E 175 31.91 -66.21 13.94
CA THR E 175 32.85 -65.33 13.26
C THR E 175 32.08 -64.13 12.73
N PHE E 176 32.36 -62.94 13.28
CA PHE E 176 31.61 -61.75 12.96
C PHE E 176 32.03 -61.15 11.63
N PRO E 177 31.13 -60.40 10.98
CA PRO E 177 31.53 -59.66 9.77
C PRO E 177 32.56 -58.59 10.11
N ALA E 178 33.32 -58.19 9.09
CA ALA E 178 34.46 -57.31 9.29
C ALA E 178 34.06 -55.84 9.21
N VAL E 179 34.81 -55.00 9.93
CA VAL E 179 34.71 -53.56 9.81
C VAL E 179 35.62 -53.12 8.67
N LEU E 180 35.31 -51.96 8.10
CA LEU E 180 36.19 -51.27 7.15
C LEU E 180 36.69 -50.01 7.86
N GLN E 181 37.92 -50.07 8.37
CA GLN E 181 38.49 -48.93 9.05
C GLN E 181 38.77 -47.80 8.07
N SER E 182 39.08 -46.63 8.63
CA SER E 182 39.51 -45.48 7.83
C SER E 182 40.98 -45.54 7.45
N SER E 183 41.66 -46.65 7.75
CA SER E 183 42.95 -46.89 7.13
C SER E 183 42.83 -47.57 5.78
N GLY E 184 41.60 -47.91 5.38
CA GLY E 184 41.37 -48.74 4.22
C GLY E 184 41.49 -50.22 4.49
N LEU E 185 41.86 -50.61 5.71
CA LEU E 185 42.11 -52.00 6.07
C LEU E 185 40.94 -52.55 6.86
N TYR E 186 40.65 -53.84 6.65
CA TYR E 186 39.58 -54.53 7.36
C TYR E 186 40.08 -55.11 8.66
N SER E 187 39.13 -55.41 9.55
CA SER E 187 39.43 -56.08 10.81
C SER E 187 38.20 -56.90 11.22
N LEU E 188 38.45 -58.08 11.78
CA LEU E 188 37.40 -59.04 12.03
C LEU E 188 37.71 -59.80 13.32
N SER E 189 36.67 -60.33 13.96
CA SER E 189 36.81 -61.11 15.18
C SER E 189 36.05 -62.41 15.07
N SER E 190 36.60 -63.45 15.70
CA SER E 190 35.95 -64.76 15.78
C SER E 190 36.03 -65.24 17.22
N VAL E 191 34.90 -65.68 17.76
CA VAL E 191 34.82 -66.12 19.15
C VAL E 191 34.14 -67.47 19.22
N VAL E 192 34.50 -68.24 20.25
CA VAL E 192 33.87 -69.51 20.55
C VAL E 192 33.48 -69.52 22.02
N THR E 193 32.23 -69.88 22.31
CA THR E 193 31.72 -69.96 23.67
C THR E 193 31.79 -71.41 24.14
N VAL E 194 32.51 -71.63 25.24
CA VAL E 194 32.70 -72.97 25.79
C VAL E 194 32.31 -72.94 27.26
N PRO E 195 32.08 -74.10 27.87
CA PRO E 195 31.81 -74.12 29.31
C PRO E 195 33.03 -73.66 30.09
N SER E 196 32.77 -72.92 31.17
CA SER E 196 33.85 -72.38 31.99
C SER E 196 34.73 -73.47 32.59
N SER E 197 34.21 -74.69 32.73
CA SER E 197 34.96 -75.78 33.33
C SER E 197 36.00 -76.38 32.39
N SER E 198 36.03 -75.96 31.12
CA SER E 198 36.98 -76.49 30.16
C SER E 198 38.12 -75.53 29.83
N LEU E 199 38.12 -74.34 30.44
CA LEU E 199 39.18 -73.37 30.15
C LEU E 199 40.55 -73.84 30.60
N GLY E 200 40.62 -74.81 31.50
CA GLY E 200 41.89 -75.28 32.01
C GLY E 200 42.26 -76.68 31.55
N THR E 201 41.34 -77.37 30.88
CA THR E 201 41.57 -78.73 30.41
C THR E 201 41.51 -78.88 28.90
N GLN E 202 41.21 -77.81 28.16
CA GLN E 202 41.07 -77.88 26.71
C GLN E 202 41.91 -76.78 26.06
N THR E 203 42.60 -77.13 24.98
CA THR E 203 43.38 -76.18 24.21
C THR E 203 42.50 -75.55 23.12
N TYR E 204 42.65 -74.24 22.94
CA TYR E 204 41.88 -73.50 21.94
C TYR E 204 42.85 -72.74 21.04
N ILE E 205 42.82 -73.07 19.75
CA ILE E 205 43.70 -72.47 18.76
C ILE E 205 42.86 -72.05 17.56
N CYS E 206 42.99 -70.80 17.15
CA CYS E 206 42.28 -70.28 15.99
C CYS E 206 43.18 -70.34 14.76
N ASN E 207 42.61 -70.78 13.63
CA ASN E 207 43.35 -70.94 12.39
C ASN E 207 42.85 -69.88 11.41
N VAL E 208 43.68 -68.88 11.14
CA VAL E 208 43.33 -67.75 10.29
C VAL E 208 44.02 -67.92 8.94
N ASN E 209 43.24 -67.87 7.87
CA ASN E 209 43.74 -67.96 6.50
C ASN E 209 43.36 -66.70 5.75
N HIS E 210 44.35 -66.02 5.17
CA HIS E 210 44.13 -64.92 4.25
C HIS E 210 44.77 -65.29 2.92
N LYS E 211 43.96 -65.76 1.98
CA LYS E 211 44.48 -66.22 0.70
C LYS E 211 45.18 -65.14 -0.11
N PRO E 212 44.70 -63.91 -0.19
CA PRO E 212 45.41 -62.90 -1.01
C PRO E 212 46.84 -62.65 -0.60
N SER E 213 47.23 -62.96 0.64
CA SER E 213 48.57 -62.70 1.13
C SER E 213 49.34 -63.95 1.51
N ASN E 214 48.78 -65.14 1.24
CA ASN E 214 49.38 -66.42 1.65
C ASN E 214 49.58 -66.48 3.16
N THR E 215 48.73 -65.78 3.91
CA THR E 215 48.87 -65.73 5.35
C THR E 215 48.13 -66.89 6.00
N LYS E 216 48.77 -67.49 6.99
CA LYS E 216 48.17 -68.54 7.78
C LYS E 216 48.77 -68.49 9.17
N VAL E 217 47.96 -68.13 10.13
CA VAL E 217 48.41 -67.97 11.50
C VAL E 217 47.56 -68.87 12.39
N ASP E 218 48.23 -69.63 13.24
CA ASP E 218 47.57 -70.46 14.25
C ASP E 218 47.95 -69.89 15.61
N LYS E 219 46.98 -69.28 16.28
CA LYS E 219 47.22 -68.57 17.53
C LYS E 219 46.50 -69.28 18.66
N LYS E 220 47.26 -69.74 19.65
CA LYS E 220 46.68 -70.36 20.83
C LYS E 220 46.09 -69.29 21.75
N VAL E 221 44.89 -69.55 22.23
CA VAL E 221 44.18 -68.63 23.13
C VAL E 221 44.17 -69.26 24.51
N GLU E 222 44.85 -68.61 25.45
CA GLU E 222 44.94 -69.04 26.83
C GLU E 222 44.43 -67.94 27.75
N PRO E 223 43.98 -68.28 28.96
CA PRO E 223 43.55 -67.24 29.90
C PRO E 223 44.69 -66.30 30.26
N LYS E 224 44.35 -65.04 30.49
CA LYS E 224 45.35 -64.01 30.73
C LYS E 224 45.93 -64.13 32.13
N SER E 225 47.24 -63.95 32.23
CA SER E 225 47.97 -64.09 33.48
C SER E 225 48.19 -62.72 34.10
N CYS E 226 47.59 -62.50 35.27
CA CYS E 226 47.74 -61.23 35.98
C CYS E 226 48.90 -61.29 36.97
N VAL F 2 -34.78 19.18 8.45
CA VAL F 2 -34.37 20.50 8.90
C VAL F 2 -35.05 21.58 8.05
N GLN F 3 -35.58 22.61 8.71
CA GLN F 3 -36.26 23.70 8.03
C GLN F 3 -35.71 25.04 8.50
N LEU F 4 -35.66 26.00 7.59
CA LEU F 4 -35.17 27.35 7.88
C LEU F 4 -36.23 28.35 7.46
N VAL F 5 -36.51 29.30 8.35
CA VAL F 5 -37.57 30.29 8.14
C VAL F 5 -36.98 31.69 8.29
N GLU F 6 -37.31 32.58 7.37
CA GLU F 6 -36.86 33.96 7.41
C GLU F 6 -37.88 34.85 8.10
N SER F 7 -37.39 35.93 8.69
CA SER F 7 -38.25 36.87 9.41
C SER F 7 -37.64 38.26 9.35
N GLY F 8 -38.50 39.26 9.17
CA GLY F 8 -38.08 40.64 9.10
C GLY F 8 -38.97 41.48 8.21
N PRO F 9 -38.85 42.80 8.31
CA PRO F 9 -39.70 43.68 7.50
C PRO F 9 -39.44 43.51 6.02
N GLY F 10 -40.50 43.58 5.22
CA GLY F 10 -40.43 43.45 3.79
C GLY F 10 -40.14 44.72 3.01
N GLN F 11 -40.02 45.85 3.69
CA GLN F 11 -39.68 47.12 3.05
C GLN F 11 -38.62 47.84 3.86
N VAL F 12 -37.64 48.41 3.15
CA VAL F 12 -36.58 49.20 3.75
C VAL F 12 -36.37 50.43 2.87
N LYS F 13 -36.42 51.62 3.45
CA LYS F 13 -36.15 52.82 2.69
C LYS F 13 -34.66 52.90 2.36
N PRO F 14 -34.27 53.71 1.38
CA PRO F 14 -32.86 53.76 0.98
C PRO F 14 -31.94 54.23 2.09
N SER F 15 -30.70 53.74 2.05
CA SER F 15 -29.62 54.15 2.94
C SER F 15 -29.87 53.77 4.39
N GLU F 16 -30.69 52.75 4.62
CA GLU F 16 -31.05 52.34 5.97
C GLU F 16 -30.41 51.00 6.30
N THR F 17 -30.56 50.58 7.55
CA THR F 17 -30.10 49.29 8.00
C THR F 17 -31.20 48.25 7.78
N LEU F 18 -30.88 47.19 7.04
CA LEU F 18 -31.81 46.10 6.80
C LEU F 18 -31.53 44.99 7.81
N SER F 19 -32.55 44.65 8.60
CA SER F 19 -32.43 43.60 9.61
C SER F 19 -33.27 42.40 9.19
N LEU F 20 -32.68 41.21 9.28
CA LEU F 20 -33.37 39.96 9.00
C LEU F 20 -32.90 38.91 9.98
N THR F 21 -33.83 38.06 10.43
CA THR F 21 -33.52 36.98 11.36
C THR F 21 -34.05 35.67 10.79
N CYS F 22 -33.17 34.68 10.70
CA CYS F 22 -33.53 33.35 10.21
C CYS F 22 -33.67 32.40 11.39
N THR F 23 -34.76 31.63 11.40
CA THR F 23 -35.05 30.70 12.48
C THR F 23 -35.10 29.28 11.91
N VAL F 24 -34.29 28.39 12.48
CA VAL F 24 -34.23 27.00 12.05
C VAL F 24 -35.02 26.15 13.02
N SER F 25 -35.54 25.02 12.52
CA SER F 25 -36.34 24.12 13.34
C SER F 25 -36.30 22.70 12.79
N GLY F 26 -35.16 22.04 12.91
CA GLY F 26 -35.01 20.67 12.46
C GLY F 26 -33.72 20.06 12.97
N GLY F 27 -32.95 20.85 13.71
CA GLY F 27 -31.70 20.41 14.29
C GLY F 27 -31.21 21.34 15.37
N SER F 28 -29.97 21.79 15.26
CA SER F 28 -29.40 22.70 16.25
C SER F 28 -28.31 23.55 15.60
N ILE F 29 -28.38 24.86 15.82
CA ILE F 29 -27.33 25.74 15.32
C ILE F 29 -26.04 25.56 16.11
N SER F 30 -26.16 25.20 17.39
CA SER F 30 -25.00 24.97 18.26
C SER F 30 -24.17 23.74 17.85
N SER F 31 -24.42 23.13 16.69
CA SER F 31 -23.65 21.99 16.25
C SER F 31 -22.30 22.42 15.70
N SER F 32 -21.29 21.58 15.93
CA SER F 32 -19.92 21.87 15.53
C SER F 32 -19.58 21.19 14.20
N SER F 33 -20.41 21.39 13.19
CA SER F 33 -20.15 20.80 11.88
C SER F 33 -20.77 21.59 10.74
N TYR F 34 -21.45 22.71 11.01
CA TYR F 34 -22.23 23.38 9.99
C TYR F 34 -22.20 24.88 10.22
N TYR F 35 -22.15 25.65 9.12
CA TYR F 35 -22.27 27.09 9.17
C TYR F 35 -23.69 27.52 8.84
N TRP F 36 -23.94 28.81 9.04
CA TRP F 36 -25.27 29.39 8.83
C TRP F 36 -25.09 30.69 8.07
N GLY F 37 -25.50 30.70 6.79
CA GLY F 37 -25.21 31.80 5.91
C GLY F 37 -26.45 32.55 5.46
N TRP F 38 -26.20 33.56 4.64
CA TRP F 38 -27.24 34.33 3.99
C TRP F 38 -26.89 34.46 2.51
N ILE F 39 -27.87 34.26 1.65
CA ILE F 39 -27.69 34.34 0.21
C ILE F 39 -28.84 35.14 -0.37
N ARG F 40 -28.54 36.02 -1.33
CA ARG F 40 -29.55 36.85 -1.96
C ARG F 40 -29.44 36.72 -3.47
N GLN F 41 -30.52 37.09 -4.15
CA GLN F 41 -30.49 37.19 -5.59
C GLN F 41 -31.51 38.25 -5.99
N PRO F 42 -31.11 39.27 -6.74
CA PRO F 42 -32.07 40.23 -7.27
C PRO F 42 -33.05 39.53 -8.19
N PRO F 43 -34.23 40.10 -8.42
CA PRO F 43 -35.22 39.46 -9.29
C PRO F 43 -34.66 39.18 -10.69
N GLY F 44 -34.66 37.91 -11.07
CA GLY F 44 -34.17 37.53 -12.38
C GLY F 44 -32.69 37.68 -12.58
N LYS F 45 -31.90 37.72 -11.52
CA LYS F 45 -30.45 37.77 -11.58
C LYS F 45 -29.88 36.49 -10.97
N GLY F 46 -28.55 36.43 -10.92
CA GLY F 46 -27.87 35.29 -10.34
C GLY F 46 -27.85 35.35 -8.82
N LEU F 47 -27.31 34.29 -8.23
CA LEU F 47 -27.20 34.21 -6.78
C LEU F 47 -25.97 34.95 -6.29
N GLU F 48 -26.02 35.35 -5.02
CA GLU F 48 -24.90 36.07 -4.40
C GLU F 48 -24.88 35.73 -2.91
N TRP F 49 -23.80 35.10 -2.47
CA TRP F 49 -23.65 34.78 -1.05
C TRP F 49 -23.30 36.03 -0.26
N ILE F 50 -23.94 36.19 0.90
CA ILE F 50 -23.74 37.37 1.73
C ILE F 50 -22.66 37.09 2.77
N GLY F 51 -22.97 36.23 3.73
CA GLY F 51 -22.02 35.88 4.77
C GLY F 51 -22.47 34.65 5.54
N SER F 52 -21.51 33.85 6.01
CA SER F 52 -21.78 32.66 6.80
C SER F 52 -21.27 32.86 8.21
N ILE F 53 -22.07 32.48 9.19
CA ILE F 53 -21.72 32.64 10.59
C ILE F 53 -21.74 31.28 11.26
N TYR F 54 -20.94 31.15 12.32
CA TYR F 54 -20.79 29.93 13.09
C TYR F 54 -21.38 30.13 14.48
N TYR F 55 -21.57 29.01 15.20
CA TYR F 55 -22.26 29.08 16.48
C TYR F 55 -21.49 29.88 17.52
N SER F 56 -20.18 30.08 17.33
CA SER F 56 -19.42 30.96 18.20
C SER F 56 -19.84 32.40 17.95
N GLY F 57 -19.01 33.13 17.20
CA GLY F 57 -19.35 34.49 16.84
C GLY F 57 -18.72 34.93 15.55
N SER F 58 -17.47 34.53 15.34
CA SER F 58 -16.75 34.92 14.14
C SER F 58 -17.52 34.51 12.89
N ALA F 59 -17.30 35.25 11.81
CA ALA F 59 -17.97 35.02 10.55
C ALA F 59 -17.15 35.66 9.46
N TYR F 60 -17.49 35.35 8.21
CA TYR F 60 -16.82 35.95 7.07
C TYR F 60 -17.86 36.33 6.03
N TYR F 61 -17.62 37.47 5.38
CA TYR F 61 -18.59 38.06 4.46
C TYR F 61 -17.93 38.32 3.12
N ASN F 62 -18.72 38.84 2.18
CA ASN F 62 -18.21 39.18 0.87
C ASN F 62 -17.18 40.31 0.95
N PRO F 63 -16.22 40.34 0.04
CA PRO F 63 -15.35 41.52 -0.04
C PRO F 63 -16.12 42.79 -0.33
N SER F 64 -17.01 42.75 -1.34
CA SER F 64 -17.82 43.92 -1.67
C SER F 64 -18.68 44.35 -0.49
N LEU F 65 -19.61 43.49 -0.07
CA LEU F 65 -20.43 43.75 1.11
C LEU F 65 -19.68 43.20 2.31
N LYS F 66 -18.79 44.00 2.85
CA LYS F 66 -18.01 43.71 4.05
C LYS F 66 -18.12 44.82 5.08
N SER F 67 -18.03 46.08 4.65
CA SER F 67 -18.11 47.19 5.59
C SER F 67 -19.53 47.37 6.11
N ARG F 68 -20.52 47.40 5.20
CA ARG F 68 -21.89 47.63 5.60
C ARG F 68 -22.64 46.33 5.92
N VAL F 69 -21.93 45.27 6.30
CA VAL F 69 -22.57 44.00 6.63
C VAL F 69 -22.00 43.49 7.96
N THR F 70 -22.88 42.85 8.73
CA THR F 70 -22.56 42.19 9.99
C THR F 70 -23.59 41.10 10.23
N ILE F 71 -23.15 39.99 10.82
CA ILE F 71 -24.04 38.86 11.10
C ILE F 71 -23.95 38.51 12.57
N SER F 72 -25.10 38.18 13.17
CA SER F 72 -25.19 37.73 14.55
C SER F 72 -25.87 36.36 14.62
N VAL F 73 -25.78 35.73 15.78
CA VAL F 73 -26.41 34.44 16.05
C VAL F 73 -27.03 34.47 17.44
N ASP F 74 -27.93 33.50 17.71
CA ASP F 74 -28.46 33.30 19.05
C ASP F 74 -28.75 31.81 19.22
N THR F 75 -27.83 31.09 19.88
CA THR F 75 -28.02 29.67 20.12
C THR F 75 -29.20 29.42 21.03
N SER F 76 -29.47 30.32 21.98
CA SER F 76 -30.58 30.14 22.90
C SER F 76 -31.90 30.06 22.15
N LYS F 77 -32.14 31.02 21.26
CA LYS F 77 -33.34 31.01 20.43
C LYS F 77 -33.15 30.21 19.15
N ASN F 78 -31.97 29.60 18.97
CA ASN F 78 -31.69 28.72 17.83
C ASN F 78 -31.93 29.45 16.50
N GLN F 79 -31.31 30.63 16.37
CA GLN F 79 -31.55 31.48 15.22
C GLN F 79 -30.38 32.43 15.05
N PHE F 80 -30.08 32.76 13.80
CA PHE F 80 -29.09 33.76 13.44
C PHE F 80 -29.74 34.85 12.63
N SER F 81 -29.12 36.03 12.64
CA SER F 81 -29.71 37.21 12.03
C SER F 81 -28.74 37.82 11.02
N LEU F 82 -29.20 38.88 10.36
CA LEU F 82 -28.44 39.57 9.32
C LEU F 82 -28.70 41.07 9.42
N LYS F 83 -27.64 41.85 9.31
CA LYS F 83 -27.73 43.30 9.35
C LYS F 83 -26.95 43.88 8.19
N LEU F 84 -27.59 44.76 7.42
CA LEU F 84 -27.01 45.39 6.24
C LEU F 84 -27.18 46.89 6.36
N ASN F 85 -26.11 47.59 6.72
CA ASN F 85 -26.15 49.04 6.88
C ASN F 85 -26.18 49.74 5.53
N SER F 86 -26.75 50.94 5.52
CA SER F 86 -26.72 51.84 4.36
C SER F 86 -27.19 51.14 3.10
N VAL F 87 -28.46 50.75 3.10
CA VAL F 87 -29.02 49.95 2.01
C VAL F 87 -29.38 50.87 0.86
N THR F 88 -28.70 50.70 -0.27
CA THR F 88 -29.10 51.36 -1.52
C THR F 88 -30.25 50.56 -2.12
N ALA F 89 -30.68 50.90 -3.33
CA ALA F 89 -31.78 50.18 -3.95
C ALA F 89 -31.32 49.07 -4.89
N ALA F 90 -30.00 48.90 -5.07
CA ALA F 90 -29.50 47.70 -5.72
C ALA F 90 -29.62 46.47 -4.82
N ASP F 91 -30.03 46.66 -3.57
CA ASP F 91 -30.21 45.58 -2.61
C ASP F 91 -31.59 44.94 -2.70
N THR F 92 -32.44 45.41 -3.62
CA THR F 92 -33.75 44.80 -3.81
C THR F 92 -33.60 43.36 -4.27
N ALA F 93 -33.84 42.41 -3.38
CA ALA F 93 -33.61 41.01 -3.70
C ALA F 93 -34.40 40.13 -2.73
N VAL F 94 -34.41 38.84 -3.03
CA VAL F 94 -34.98 37.82 -2.17
C VAL F 94 -33.84 37.20 -1.36
N PHE F 95 -33.98 37.20 -0.05
CA PHE F 95 -32.90 36.79 0.85
C PHE F 95 -33.20 35.42 1.41
N TYR F 96 -32.33 34.45 1.13
CA TYR F 96 -32.45 33.10 1.65
C TYR F 96 -31.45 32.90 2.78
N CYS F 97 -31.81 32.03 3.72
CA CYS F 97 -30.87 31.54 4.72
C CYS F 97 -30.75 30.02 4.57
N ALA F 98 -29.54 29.55 4.32
CA ALA F 98 -29.26 28.15 4.08
C ALA F 98 -28.31 27.62 5.14
N ARG F 99 -28.01 26.34 5.04
CA ARG F 99 -27.15 25.65 5.99
C ARG F 99 -25.88 25.22 5.27
N HIS F 100 -24.73 25.57 5.84
CA HIS F 100 -23.44 25.51 5.15
C HIS F 100 -22.59 24.41 5.75
N ALA F 101 -22.02 23.56 4.88
CA ALA F 101 -21.21 22.43 5.31
C ALA F 101 -19.80 22.57 4.75
N ALA F 102 -18.81 22.45 5.63
CA ALA F 102 -17.40 22.64 5.28
C ALA F 102 -16.57 21.48 5.82
N PRO F 103 -16.55 20.34 5.13
CA PRO F 103 -15.78 19.19 5.63
C PRO F 103 -14.27 19.33 5.46
N SER F 104 -13.81 19.56 4.25
CA SER F 104 -12.38 19.60 3.96
C SER F 104 -12.02 21.04 3.59
N PRO F 105 -10.89 21.37 2.88
CA PRO F 105 -10.54 22.79 2.77
C PRO F 105 -11.26 23.52 1.66
N GLY F 106 -11.76 22.79 0.65
CA GLY F 106 -12.45 23.41 -0.45
C GLY F 106 -13.90 23.01 -0.55
N ASP F 107 -14.29 21.98 0.20
CA ASP F 107 -15.66 21.50 0.24
C ASP F 107 -16.55 22.54 0.92
N ASN F 108 -17.40 23.22 0.15
CA ASN F 108 -18.29 24.23 0.73
C ASN F 108 -19.58 24.26 -0.08
N TRP F 109 -20.65 23.72 0.49
CA TRP F 109 -21.96 23.71 -0.14
C TRP F 109 -23.03 24.12 0.86
N PHE F 110 -24.21 24.45 0.32
CA PHE F 110 -25.39 24.80 1.10
C PHE F 110 -26.39 23.65 0.98
N ASP F 111 -26.54 22.88 2.05
CA ASP F 111 -27.30 21.63 1.95
C ASP F 111 -28.80 21.91 1.87
N PRO F 112 -29.51 22.36 2.96
CA PRO F 112 -30.92 22.69 2.77
C PRO F 112 -31.19 24.19 2.83
N TRP F 113 -31.88 24.71 1.82
CA TRP F 113 -32.16 26.13 1.75
C TRP F 113 -33.46 26.47 2.47
N GLY F 114 -33.61 27.75 2.78
CA GLY F 114 -34.87 28.29 3.25
C GLY F 114 -35.63 28.94 2.10
N GLN F 115 -36.95 29.05 2.27
CA GLN F 115 -37.78 29.54 1.17
C GLN F 115 -37.48 30.98 0.80
N GLY F 116 -37.00 31.78 1.76
CA GLY F 116 -36.55 33.12 1.45
C GLY F 116 -37.64 34.17 1.46
N THR F 117 -37.29 35.37 1.92
CA THR F 117 -38.19 36.51 1.92
C THR F 117 -37.70 37.56 0.92
N LEU F 118 -38.64 38.26 0.32
CA LEU F 118 -38.34 39.35 -0.60
C LEU F 118 -38.46 40.67 0.16
N VAL F 119 -37.34 41.39 0.26
CA VAL F 119 -37.32 42.73 0.82
C VAL F 119 -37.04 43.70 -0.33
N THR F 120 -37.94 44.65 -0.53
CA THR F 120 -37.84 45.61 -1.63
C THR F 120 -37.49 46.97 -1.04
N VAL F 121 -36.31 47.47 -1.41
CA VAL F 121 -35.81 48.74 -0.91
C VAL F 121 -36.28 49.85 -1.84
N SER F 122 -37.12 50.73 -1.31
CA SER F 122 -37.70 51.81 -2.10
C SER F 122 -38.33 52.83 -1.17
N SER F 123 -37.90 54.08 -1.25
CA SER F 123 -38.67 55.18 -0.69
C SER F 123 -39.79 55.54 -1.64
N ALA F 124 -40.34 54.53 -2.30
CA ALA F 124 -41.28 54.72 -3.41
C ALA F 124 -42.66 54.99 -2.83
N SER F 125 -43.02 56.25 -2.78
CA SER F 125 -44.38 56.62 -2.49
C SER F 125 -45.22 56.56 -3.76
N THR F 126 -46.54 56.53 -3.57
CA THR F 126 -47.45 56.47 -4.72
C THR F 126 -47.19 57.63 -5.66
N LYS F 127 -46.99 57.31 -6.94
CA LYS F 127 -46.60 58.31 -7.92
C LYS F 127 -47.18 57.93 -9.28
N GLY F 128 -47.80 58.90 -9.94
CA GLY F 128 -48.31 58.70 -11.28
C GLY F 128 -47.19 58.68 -12.30
N PRO F 129 -47.44 58.05 -13.45
CA PRO F 129 -46.40 57.90 -14.46
C PRO F 129 -46.34 59.05 -15.44
N SER F 130 -45.13 59.26 -15.97
CA SER F 130 -44.91 60.14 -17.10
C SER F 130 -44.99 59.33 -18.38
N VAL F 131 -45.77 59.81 -19.35
CA VAL F 131 -46.04 59.08 -20.58
C VAL F 131 -45.39 59.83 -21.73
N PHE F 132 -44.50 59.15 -22.46
CA PHE F 132 -43.80 59.73 -23.59
C PHE F 132 -44.02 58.90 -24.84
N PRO F 133 -44.23 59.53 -25.99
CA PRO F 133 -44.43 58.76 -27.22
C PRO F 133 -43.13 58.15 -27.72
N LEU F 134 -43.24 56.95 -28.28
CA LEU F 134 -42.12 56.27 -28.93
C LEU F 134 -42.44 56.27 -30.42
N ALA F 135 -41.91 57.28 -31.12
CA ALA F 135 -42.28 57.50 -32.51
C ALA F 135 -41.73 56.39 -33.40
N PRO F 136 -42.46 56.01 -34.45
CA PRO F 136 -41.94 55.02 -35.40
C PRO F 136 -40.77 55.57 -36.17
N SER F 137 -39.77 54.74 -36.39
CA SER F 137 -38.53 55.16 -37.04
C SER F 137 -38.79 55.56 -38.49
N SER F 138 -38.03 56.57 -38.95
CA SER F 138 -38.15 57.00 -40.34
C SER F 138 -37.64 55.94 -41.30
N LYS F 139 -36.68 55.13 -40.87
CA LYS F 139 -36.18 54.04 -41.71
C LYS F 139 -37.08 52.81 -41.58
N GLY F 144 -41.71 46.17 -44.29
CA GLY F 144 -43.11 46.36 -44.60
C GLY F 144 -43.95 46.70 -43.38
N THR F 145 -43.36 46.56 -42.19
CA THR F 145 -44.03 46.84 -40.94
C THR F 145 -43.17 47.75 -40.08
N ALA F 146 -43.81 48.40 -39.11
CA ALA F 146 -43.13 49.33 -38.23
C ALA F 146 -43.71 49.24 -36.82
N ALA F 147 -42.90 49.57 -35.84
CA ALA F 147 -43.29 49.50 -34.43
C ALA F 147 -43.34 50.90 -33.83
N LEU F 148 -44.44 51.20 -33.15
CA LEU F 148 -44.59 52.43 -32.38
C LEU F 148 -45.16 52.09 -31.02
N GLY F 149 -44.90 52.95 -30.04
CA GLY F 149 -45.32 52.65 -28.69
C GLY F 149 -45.30 53.85 -27.78
N CYS F 150 -45.48 53.56 -26.48
CA CYS F 150 -45.54 54.59 -25.44
C CYS F 150 -44.68 54.17 -24.26
N LEU F 151 -43.84 55.08 -23.78
CA LEU F 151 -42.99 54.85 -22.63
C LEU F 151 -43.71 55.33 -21.37
N VAL F 152 -43.98 54.39 -20.45
CA VAL F 152 -44.65 54.68 -19.19
C VAL F 152 -43.58 54.63 -18.10
N LYS F 153 -43.25 55.79 -17.54
CA LYS F 153 -42.02 55.98 -16.79
C LYS F 153 -42.30 56.52 -15.38
N ASP F 154 -41.64 55.91 -14.39
CA ASP F 154 -41.58 56.42 -13.02
C ASP F 154 -42.98 56.46 -12.37
N TYR F 155 -43.48 55.28 -12.03
CA TYR F 155 -44.74 55.15 -11.30
C TYR F 155 -44.58 54.15 -10.17
N PHE F 156 -45.50 54.24 -9.21
CA PHE F 156 -45.55 53.32 -8.07
C PHE F 156 -46.91 53.46 -7.43
N PRO F 157 -47.55 52.36 -7.01
CA PRO F 157 -47.07 50.99 -7.21
C PRO F 157 -47.66 50.36 -8.47
N GLU F 158 -47.31 49.10 -8.72
CA GLU F 158 -47.97 48.36 -9.78
C GLU F 158 -49.46 48.27 -9.49
N PRO F 159 -50.32 48.18 -10.52
CA PRO F 159 -49.97 48.19 -11.95
C PRO F 159 -50.54 49.38 -12.72
N VAL F 160 -50.30 49.36 -14.03
CA VAL F 160 -50.92 50.29 -14.97
C VAL F 160 -51.56 49.49 -16.08
N THR F 161 -52.65 50.02 -16.64
CA THR F 161 -53.30 49.42 -17.80
C THR F 161 -53.08 50.30 -19.02
N VAL F 162 -52.82 49.67 -20.15
CA VAL F 162 -52.59 50.37 -21.41
C VAL F 162 -53.49 49.78 -22.48
N SER F 163 -54.24 50.64 -23.16
CA SER F 163 -55.00 50.27 -24.34
C SER F 163 -54.65 51.24 -25.46
N TRP F 164 -55.08 50.91 -26.68
CA TRP F 164 -54.78 51.71 -27.86
C TRP F 164 -56.06 52.03 -28.60
N ASN F 165 -56.25 53.31 -28.92
CA ASN F 165 -57.46 53.80 -29.57
C ASN F 165 -58.70 53.38 -28.80
N SER F 166 -58.61 53.44 -27.46
CA SER F 166 -59.70 53.11 -26.55
C SER F 166 -60.11 51.64 -26.65
N GLY F 167 -59.12 50.77 -26.85
CA GLY F 167 -59.37 49.35 -27.00
C GLY F 167 -59.82 48.92 -28.37
N ALA F 168 -60.06 49.86 -29.29
CA ALA F 168 -60.46 49.49 -30.64
C ALA F 168 -59.34 48.77 -31.38
N LEU F 169 -58.10 49.05 -31.03
CA LEU F 169 -56.93 48.41 -31.64
C LEU F 169 -56.38 47.39 -30.65
N THR F 170 -56.47 46.11 -30.99
CA THR F 170 -56.00 45.05 -30.11
C THR F 170 -55.00 44.15 -30.84
N SER F 171 -55.14 44.02 -32.15
CA SER F 171 -54.22 43.21 -32.93
C SER F 171 -52.87 43.90 -33.06
N GLY F 172 -51.80 43.17 -32.76
CA GLY F 172 -50.45 43.69 -32.86
C GLY F 172 -49.94 44.41 -31.63
N VAL F 173 -50.71 44.43 -30.54
CA VAL F 173 -50.33 45.13 -29.32
C VAL F 173 -49.56 44.18 -28.41
N HIS F 174 -48.47 44.69 -27.83
CA HIS F 174 -47.67 43.92 -26.88
C HIS F 174 -47.24 44.87 -25.76
N THR F 175 -47.83 44.69 -24.58
CA THR F 175 -47.48 45.47 -23.41
C THR F 175 -46.52 44.66 -22.56
N PHE F 176 -45.28 45.14 -22.43
CA PHE F 176 -44.22 44.39 -21.77
C PHE F 176 -44.33 44.48 -20.26
N PRO F 177 -43.80 43.48 -19.53
CA PRO F 177 -43.72 43.60 -18.07
C PRO F 177 -42.79 44.73 -17.67
N ALA F 178 -42.99 45.23 -16.45
CA ALA F 178 -42.30 46.43 -15.99
C ALA F 178 -40.97 46.10 -15.33
N VAL F 179 -40.03 47.05 -15.43
CA VAL F 179 -38.78 47.00 -14.68
C VAL F 179 -39.02 47.59 -13.30
N LEU F 180 -38.18 47.21 -12.35
CA LEU F 180 -38.12 47.85 -11.05
C LEU F 180 -36.78 48.58 -10.97
N GLN F 181 -36.81 49.90 -11.19
CA GLN F 181 -35.60 50.69 -11.15
C GLN F 181 -35.05 50.75 -9.73
N SER F 182 -33.82 51.26 -9.62
CA SER F 182 -33.21 51.52 -8.32
C SER F 182 -33.65 52.85 -7.71
N SER F 183 -34.62 53.52 -8.33
CA SER F 183 -35.31 54.61 -7.65
C SER F 183 -36.48 54.10 -6.80
N GLY F 184 -36.76 52.80 -6.86
CA GLY F 184 -37.95 52.24 -6.29
C GLY F 184 -39.18 52.35 -7.17
N LEU F 185 -39.06 53.00 -8.33
CA LEU F 185 -40.18 53.26 -9.21
C LEU F 185 -40.14 52.30 -10.40
N TYR F 186 -41.33 51.91 -10.86
CA TYR F 186 -41.47 51.02 -11.99
C TYR F 186 -41.50 51.81 -13.30
N SER F 187 -41.23 51.11 -14.39
CA SER F 187 -41.35 51.67 -15.74
C SER F 187 -41.70 50.55 -16.70
N LEU F 188 -42.55 50.87 -17.68
CA LEU F 188 -43.13 49.87 -18.56
C LEU F 188 -43.31 50.47 -19.95
N SER F 189 -43.34 49.59 -20.95
CA SER F 189 -43.52 50.00 -22.33
C SER F 189 -44.61 49.16 -23.00
N SER F 190 -45.36 49.80 -23.90
CA SER F 190 -46.37 49.14 -24.69
C SER F 190 -46.20 49.55 -26.15
N VAL F 191 -46.18 48.58 -27.05
CA VAL F 191 -45.96 48.84 -28.47
C VAL F 191 -47.03 48.12 -29.29
N VAL F 192 -47.33 48.71 -30.44
CA VAL F 192 -48.23 48.10 -31.41
C VAL F 192 -47.55 48.10 -32.77
N THR F 193 -47.56 46.95 -33.44
CA THR F 193 -46.95 46.80 -34.76
C THR F 193 -48.05 46.91 -35.81
N VAL F 194 -47.89 47.87 -36.73
CA VAL F 194 -48.88 48.13 -37.77
C VAL F 194 -48.15 48.13 -39.11
N PRO F 195 -48.89 47.99 -40.21
CA PRO F 195 -48.26 48.10 -41.53
C PRO F 195 -47.70 49.50 -41.74
N SER F 196 -46.54 49.57 -42.40
CA SER F 196 -45.87 50.84 -42.64
C SER F 196 -46.72 51.79 -43.48
N SER F 197 -47.67 51.25 -44.26
CA SER F 197 -48.50 52.08 -45.12
C SER F 197 -49.60 52.83 -44.36
N SER F 198 -49.78 52.56 -43.07
CA SER F 198 -50.82 53.20 -42.29
C SER F 198 -50.28 54.26 -41.33
N LEU F 199 -48.95 54.48 -41.30
CA LEU F 199 -48.39 55.47 -40.40
C LEU F 199 -48.84 56.89 -40.73
N GLY F 200 -49.32 57.13 -41.95
CA GLY F 200 -49.72 58.47 -42.34
C GLY F 200 -51.21 58.63 -42.50
N THR F 201 -51.96 57.54 -42.41
CA THR F 201 -53.41 57.57 -42.59
C THR F 201 -54.19 57.11 -41.36
N GLN F 202 -53.51 56.70 -40.28
CA GLN F 202 -54.17 56.21 -39.08
C GLN F 202 -53.61 56.90 -37.86
N THR F 203 -54.50 57.27 -36.94
CA THR F 203 -54.10 57.87 -35.67
C THR F 203 -53.87 56.79 -34.63
N TYR F 204 -52.80 56.95 -33.84
CA TYR F 204 -52.45 55.99 -32.80
C TYR F 204 -52.31 56.73 -31.48
N ILE F 205 -53.15 56.37 -30.51
CA ILE F 205 -53.18 56.99 -29.19
C ILE F 205 -53.20 55.90 -28.14
N CYS F 206 -52.28 55.98 -27.18
CA CYS F 206 -52.20 55.03 -26.09
C CYS F 206 -52.92 55.59 -24.87
N ASN F 207 -53.71 54.74 -24.22
CA ASN F 207 -54.51 55.11 -23.05
C ASN F 207 -53.90 54.44 -21.83
N VAL F 208 -53.26 55.23 -20.97
CA VAL F 208 -52.57 54.73 -19.79
C VAL F 208 -53.40 55.05 -18.55
N ASN F 209 -53.70 54.02 -17.76
CA ASN F 209 -54.44 54.15 -16.52
C ASN F 209 -53.59 53.65 -15.36
N HIS F 210 -53.38 54.50 -14.36
CA HIS F 210 -52.76 54.10 -13.10
C HIS F 210 -53.77 54.38 -11.99
N LYS F 211 -54.46 53.33 -11.56
CA LYS F 211 -55.51 53.49 -10.55
C LYS F 211 -55.00 54.01 -9.20
N PRO F 212 -53.85 53.58 -8.67
CA PRO F 212 -53.42 54.11 -7.36
C PRO F 212 -53.25 55.62 -7.31
N SER F 213 -53.07 56.29 -8.45
CA SER F 213 -52.83 57.72 -8.47
C SER F 213 -53.91 58.49 -9.22
N ASN F 214 -54.99 57.83 -9.64
CA ASN F 214 -56.04 58.44 -10.46
C ASN F 214 -55.49 59.02 -11.75
N THR F 215 -54.41 58.42 -12.26
CA THR F 215 -53.78 58.92 -13.47
C THR F 215 -54.42 58.31 -14.70
N LYS F 216 -54.64 59.16 -15.69
CA LYS F 216 -55.18 58.76 -16.99
C LYS F 216 -54.59 59.67 -18.05
N VAL F 217 -53.69 59.14 -18.87
CA VAL F 217 -53.04 59.92 -19.89
C VAL F 217 -53.32 59.30 -21.26
N ASP F 218 -53.76 60.11 -22.20
CA ASP F 218 -53.96 59.70 -23.58
C ASP F 218 -52.92 60.43 -24.43
N LYS F 219 -51.94 59.70 -24.94
CA LYS F 219 -50.80 60.28 -25.64
C LYS F 219 -50.83 59.84 -27.09
N LYS F 220 -50.95 60.80 -28.00
CA LYS F 220 -50.90 60.50 -29.43
C LYS F 220 -49.47 60.22 -29.86
N VAL F 221 -49.29 59.17 -30.65
CA VAL F 221 -47.98 58.76 -31.14
C VAL F 221 -47.94 59.07 -32.64
N GLU F 222 -47.07 60.00 -33.01
CA GLU F 222 -46.88 60.42 -34.39
C GLU F 222 -45.41 60.21 -34.79
N PRO F 223 -45.13 60.06 -36.09
CA PRO F 223 -43.74 59.93 -36.51
C PRO F 223 -42.93 61.18 -36.17
N LYS F 224 -41.66 60.96 -35.87
CA LYS F 224 -40.79 62.05 -35.40
C LYS F 224 -40.39 62.96 -36.56
N SER F 225 -40.40 64.26 -36.29
CA SER F 225 -40.11 65.28 -37.29
C SER F 225 -38.65 65.71 -37.16
N CYS F 226 -37.86 65.44 -38.19
CA CYS F 226 -36.45 65.81 -38.20
C CYS F 226 -36.23 67.16 -38.84
#